data_6AVC
# 
_entry.id   6AVC 
# 
_audit_conform.dict_name       mmcif_pdbx.dic 
_audit_conform.dict_version    5.399 
_audit_conform.dict_location   http://mmcif.pdb.org/dictionaries/ascii/mmcif_pdbx.dic 
# 
loop_
_database_2.database_id 
_database_2.database_code 
_database_2.pdbx_database_accession 
_database_2.pdbx_DOI 
PDB   6AVC         pdb_00006avc 10.2210/pdb6avc/pdb 
WWPDB D_1000229893 ?            ?                   
# 
loop_
_pdbx_audit_revision_history.ordinal 
_pdbx_audit_revision_history.data_content_type 
_pdbx_audit_revision_history.major_revision 
_pdbx_audit_revision_history.minor_revision 
_pdbx_audit_revision_history.revision_date 
1 'Structure model' 1 0 2018-02-28 
2 'Structure model' 1 1 2018-03-14 
3 'Structure model' 1 2 2023-10-04 
4 'Structure model' 1 3 2024-11-20 
# 
_pdbx_audit_revision_details.ordinal             1 
_pdbx_audit_revision_details.revision_ordinal    1 
_pdbx_audit_revision_details.data_content_type   'Structure model' 
_pdbx_audit_revision_details.provider            repository 
_pdbx_audit_revision_details.type                'Initial release' 
_pdbx_audit_revision_details.description         ? 
_pdbx_audit_revision_details.details             ? 
# 
loop_
_pdbx_audit_revision_group.ordinal 
_pdbx_audit_revision_group.revision_ordinal 
_pdbx_audit_revision_group.data_content_type 
_pdbx_audit_revision_group.group 
1 2 'Structure model' 'Database references'    
2 3 'Structure model' 'Data collection'        
3 3 'Structure model' 'Database references'    
4 3 'Structure model' 'Refinement description' 
5 4 'Structure model' 'Structure summary'      
# 
loop_
_pdbx_audit_revision_category.ordinal 
_pdbx_audit_revision_category.revision_ordinal 
_pdbx_audit_revision_category.data_content_type 
_pdbx_audit_revision_category.category 
1 2 'Structure model' citation                      
2 2 'Structure model' citation_author               
3 3 'Structure model' chem_comp_atom                
4 3 'Structure model' chem_comp_bond                
5 3 'Structure model' database_2                    
6 3 'Structure model' pdbx_initial_refinement_model 
7 4 'Structure model' pdbx_entry_details            
8 4 'Structure model' pdbx_modification_feature     
# 
loop_
_pdbx_audit_revision_item.ordinal 
_pdbx_audit_revision_item.revision_ordinal 
_pdbx_audit_revision_item.data_content_type 
_pdbx_audit_revision_item.item 
1 2 'Structure model' '_citation.journal_abbrev'            
2 2 'Structure model' '_citation.journal_volume'            
3 2 'Structure model' '_citation.page_first'                
4 2 'Structure model' '_citation.page_last'                 
5 2 'Structure model' '_citation.pdbx_database_id_PubMed'   
6 2 'Structure model' '_citation.title'                     
7 2 'Structure model' '_citation_author.name'               
8 3 'Structure model' '_database_2.pdbx_DOI'                
9 3 'Structure model' '_database_2.pdbx_database_accession' 
# 
_pdbx_database_status.status_code                     REL 
_pdbx_database_status.status_code_sf                  REL 
_pdbx_database_status.status_code_mr                  ? 
_pdbx_database_status.entry_id                        6AVC 
_pdbx_database_status.recvd_initial_deposition_date   2017-09-01 
_pdbx_database_status.SG_entry                        N 
_pdbx_database_status.deposit_site                    RCSB 
_pdbx_database_status.process_site                    RCSB 
_pdbx_database_status.status_code_cs                  ? 
_pdbx_database_status.methods_development_category    ? 
_pdbx_database_status.pdb_format_compatible           Y 
_pdbx_database_status.status_code_nmr_data            ? 
# 
loop_
_pdbx_database_related.db_name 
_pdbx_database_related.details 
_pdbx_database_related.db_id 
_pdbx_database_related.content_type 
PDB . 6ATL unspecified 
PDB . 6ATM unspecified 
PDB . 6ATN unspecified 
PDB . 6ATS unspecified 
PDB . 6ATU unspecified 
PDB . 6ATW unspecified 
PDB . 6ATY unspecified 
PDB . 6AU7 unspecified 
PDB . 6AUP unspecified 
PDB . 6AV8 unspecified 
PDB . 6AVA unspecified 
# 
loop_
_audit_author.name 
_audit_author.pdbx_ordinal 
_audit_author.identifier_ORCID 
'Gewe, M.M.'   1 ? 
'Rupert, P.'   2 ? 
'Strong, R.K.' 3 ? 
# 
_citation.abstract                  ? 
_citation.abstract_id_CAS           ? 
_citation.book_id_ISBN              ? 
_citation.book_publisher            ? 
_citation.book_publisher_city       ? 
_citation.book_title                ? 
_citation.coordinate_linkage        ? 
_citation.country                   US 
_citation.database_id_Medline       ? 
_citation.details                   ? 
_citation.id                        primary 
_citation.journal_abbrev            'Nat. Struct. Mol. Biol.' 
_citation.journal_id_ASTM           ? 
_citation.journal_id_CSD            ? 
_citation.journal_id_ISSN           1545-9985 
_citation.journal_full              ? 
_citation.journal_issue             ? 
_citation.journal_volume            25 
_citation.language                  ? 
_citation.page_first                270 
_citation.page_last                 278 
_citation.title                     
'Screening, large-scale production and structure-based classification of cystine-dense peptides.' 
_citation.year                      2018 
_citation.database_id_CSD           ? 
_citation.pdbx_database_id_DOI      10.1038/s41594-018-0033-9 
_citation.pdbx_database_id_PubMed   29483648 
_citation.unpublished_flag          ? 
# 
loop_
_citation_author.citation_id 
_citation_author.name 
_citation_author.ordinal 
_citation_author.identifier_ORCID 
primary 'Correnti, C.E.'          1  ? 
primary 'Gewe, M.M.'              2  ? 
primary 'Mehlin, C.'              3  ? 
primary 'Bandaranayake, A.D.'     4  ? 
primary 'Johnsen, W.A.'           5  ? 
primary 'Rupert, P.B.'            6  ? 
primary 'Brusniak, M.Y.'          7  ? 
primary 'Clarke, M.'              8  ? 
primary 'Burke, S.E.'             9  ? 
primary 'De Van Der Schueren, W.' 10 ? 
primary 'Pilat, K.'               11 ? 
primary 'Turnbaugh, S.M.'         12 ? 
primary 'May, D.'                 13 ? 
primary 'Watson, A.'              14 ? 
primary 'Chan, M.K.'              15 ? 
primary 'Bahl, C.D.'              16 ? 
primary 'Olson, J.M.'             17 ? 
primary 'Strong, R.K.'            18 ? 
# 
loop_
_entity.id 
_entity.type 
_entity.src_method 
_entity.pdbx_description 
_entity.formula_weight 
_entity.pdbx_number_of_molecules 
_entity.pdbx_ec 
_entity.pdbx_mutation 
_entity.pdbx_fragment 
_entity.details 
1 polymer man 'Potassium channel toxin alpha-KTx 1.5' 4344.138 1  ? ? 'residues 21-57' ? 
2 water   nat water                                   18.015   37 ? ? ?                ? 
# 
_entity_name_com.entity_id   1 
_entity_name_com.name        'BmTX1,Neurotoxin TX1' 
# 
_entity_poly.entity_id                      1 
_entity_poly.type                           'polypeptide(L)' 
_entity_poly.nstd_linkage                   no 
_entity_poly.nstd_monomer                   no 
_entity_poly.pdbx_seq_one_letter_code       GSQFTDVKCTGSKQCWPVCKQMFGKPNGKCMNGKCRCYS 
_entity_poly.pdbx_seq_one_letter_code_can   GSQFTDVKCTGSKQCWPVCKQMFGKPNGKCMNGKCRCYS 
_entity_poly.pdbx_strand_id                 A 
_entity_poly.pdbx_target_identifier         ? 
# 
_pdbx_entity_nonpoly.entity_id   2 
_pdbx_entity_nonpoly.name        water 
_pdbx_entity_nonpoly.comp_id     HOH 
# 
loop_
_entity_poly_seq.entity_id 
_entity_poly_seq.num 
_entity_poly_seq.mon_id 
_entity_poly_seq.hetero 
1 1  GLY n 
1 2  SER n 
1 3  GLN n 
1 4  PHE n 
1 5  THR n 
1 6  ASP n 
1 7  VAL n 
1 8  LYS n 
1 9  CYS n 
1 10 THR n 
1 11 GLY n 
1 12 SER n 
1 13 LYS n 
1 14 GLN n 
1 15 CYS n 
1 16 TRP n 
1 17 PRO n 
1 18 VAL n 
1 19 CYS n 
1 20 LYS n 
1 21 GLN n 
1 22 MET n 
1 23 PHE n 
1 24 GLY n 
1 25 LYS n 
1 26 PRO n 
1 27 ASN n 
1 28 GLY n 
1 29 LYS n 
1 30 CYS n 
1 31 MET n 
1 32 ASN n 
1 33 GLY n 
1 34 LYS n 
1 35 CYS n 
1 36 ARG n 
1 37 CYS n 
1 38 TYR n 
1 39 SER n 
# 
_entity_src_gen.entity_id                          1 
_entity_src_gen.pdbx_src_id                        1 
_entity_src_gen.pdbx_alt_source_flag               sample 
_entity_src_gen.pdbx_seq_type                      'Biological sequence' 
_entity_src_gen.pdbx_beg_seq_num                   1 
_entity_src_gen.pdbx_end_seq_num                   39 
_entity_src_gen.gene_src_common_name               'Manchurian scorpion' 
_entity_src_gen.gene_src_genus                     ? 
_entity_src_gen.pdbx_gene_src_gene                 ? 
_entity_src_gen.gene_src_species                   ? 
_entity_src_gen.gene_src_strain                    ? 
_entity_src_gen.gene_src_tissue                    ? 
_entity_src_gen.gene_src_tissue_fraction           ? 
_entity_src_gen.gene_src_details                   ? 
_entity_src_gen.pdbx_gene_src_fragment             ? 
_entity_src_gen.pdbx_gene_src_scientific_name      'Mesobuthus martensii' 
_entity_src_gen.pdbx_gene_src_ncbi_taxonomy_id     34649 
_entity_src_gen.pdbx_gene_src_variant              ? 
_entity_src_gen.pdbx_gene_src_cell_line            ? 
_entity_src_gen.pdbx_gene_src_atcc                 ? 
_entity_src_gen.pdbx_gene_src_organ                ? 
_entity_src_gen.pdbx_gene_src_organelle            ? 
_entity_src_gen.pdbx_gene_src_cell                 ? 
_entity_src_gen.pdbx_gene_src_cellular_location    ? 
_entity_src_gen.host_org_common_name               ? 
_entity_src_gen.pdbx_host_org_scientific_name      'Homo sapiens' 
_entity_src_gen.pdbx_host_org_ncbi_taxonomy_id     9606 
_entity_src_gen.host_org_genus                     ? 
_entity_src_gen.pdbx_host_org_gene                 ? 
_entity_src_gen.pdbx_host_org_organ                ? 
_entity_src_gen.host_org_species                   ? 
_entity_src_gen.pdbx_host_org_tissue               ? 
_entity_src_gen.pdbx_host_org_tissue_fraction      ? 
_entity_src_gen.pdbx_host_org_strain               ? 
_entity_src_gen.pdbx_host_org_variant              ? 
_entity_src_gen.pdbx_host_org_cell_line            ? 
_entity_src_gen.pdbx_host_org_atcc                 ? 
_entity_src_gen.pdbx_host_org_culture_collection   ? 
_entity_src_gen.pdbx_host_org_cell                 HEK-293F 
_entity_src_gen.pdbx_host_org_organelle            ? 
_entity_src_gen.pdbx_host_org_cellular_location    ? 
_entity_src_gen.pdbx_host_org_vector_type          ? 
_entity_src_gen.pdbx_host_org_vector               ? 
_entity_src_gen.host_org_details                   ? 
_entity_src_gen.expression_system_id               ? 
_entity_src_gen.plasmid_name                       ? 
_entity_src_gen.plasmid_details                    ? 
_entity_src_gen.pdbx_description                   ? 
# 
loop_
_chem_comp.id 
_chem_comp.type 
_chem_comp.mon_nstd_flag 
_chem_comp.name 
_chem_comp.pdbx_synonyms 
_chem_comp.formula 
_chem_comp.formula_weight 
ARG 'L-peptide linking' y ARGININE        ? 'C6 H15 N4 O2 1' 175.209 
ASN 'L-peptide linking' y ASPARAGINE      ? 'C4 H8 N2 O3'    132.118 
ASP 'L-peptide linking' y 'ASPARTIC ACID' ? 'C4 H7 N O4'     133.103 
CYS 'L-peptide linking' y CYSTEINE        ? 'C3 H7 N O2 S'   121.158 
GLN 'L-peptide linking' y GLUTAMINE       ? 'C5 H10 N2 O3'   146.144 
GLY 'peptide linking'   y GLYCINE         ? 'C2 H5 N O2'     75.067  
HOH non-polymer         . WATER           ? 'H2 O'           18.015  
LYS 'L-peptide linking' y LYSINE          ? 'C6 H15 N2 O2 1' 147.195 
MET 'L-peptide linking' y METHIONINE      ? 'C5 H11 N O2 S'  149.211 
PHE 'L-peptide linking' y PHENYLALANINE   ? 'C9 H11 N O2'    165.189 
PRO 'L-peptide linking' y PROLINE         ? 'C5 H9 N O2'     115.130 
SER 'L-peptide linking' y SERINE          ? 'C3 H7 N O3'     105.093 
THR 'L-peptide linking' y THREONINE       ? 'C4 H9 N O3'     119.119 
TRP 'L-peptide linking' y TRYPTOPHAN      ? 'C11 H12 N2 O2'  204.225 
TYR 'L-peptide linking' y TYROSINE        ? 'C9 H11 N O3'    181.189 
VAL 'L-peptide linking' y VALINE          ? 'C5 H11 N O2'    117.146 
# 
loop_
_pdbx_poly_seq_scheme.asym_id 
_pdbx_poly_seq_scheme.entity_id 
_pdbx_poly_seq_scheme.seq_id 
_pdbx_poly_seq_scheme.mon_id 
_pdbx_poly_seq_scheme.ndb_seq_num 
_pdbx_poly_seq_scheme.pdb_seq_num 
_pdbx_poly_seq_scheme.auth_seq_num 
_pdbx_poly_seq_scheme.pdb_mon_id 
_pdbx_poly_seq_scheme.auth_mon_id 
_pdbx_poly_seq_scheme.pdb_strand_id 
_pdbx_poly_seq_scheme.pdb_ins_code 
_pdbx_poly_seq_scheme.hetero 
A 1 1  GLY 1  1  ?  ?   ?   A . n 
A 1 2  SER 2  2  2  SER SER A . n 
A 1 3  GLN 3  3  3  GLN GLN A . n 
A 1 4  PHE 4  4  4  PHE PHE A . n 
A 1 5  THR 5  5  5  THR THR A . n 
A 1 6  ASP 6  6  6  ASP ASP A . n 
A 1 7  VAL 7  7  7  VAL VAL A . n 
A 1 8  LYS 8  8  8  LYS LYS A . n 
A 1 9  CYS 9  9  9  CYS CYS A . n 
A 1 10 THR 10 10 10 THR THR A . n 
A 1 11 GLY 11 11 11 GLY GLY A . n 
A 1 12 SER 12 12 12 SER SER A . n 
A 1 13 LYS 13 13 13 LYS LYS A . n 
A 1 14 GLN 14 14 14 GLN GLN A . n 
A 1 15 CYS 15 15 15 CYS CYS A . n 
A 1 16 TRP 16 16 16 TRP TRP A . n 
A 1 17 PRO 17 17 17 PRO PRO A . n 
A 1 18 VAL 18 18 18 VAL VAL A . n 
A 1 19 CYS 19 19 19 CYS CYS A . n 
A 1 20 LYS 20 20 20 LYS LYS A . n 
A 1 21 GLN 21 21 21 GLN GLN A . n 
A 1 22 MET 22 22 22 MET MET A . n 
A 1 23 PHE 23 23 23 PHE PHE A . n 
A 1 24 GLY 24 24 24 GLY GLY A . n 
A 1 25 LYS 25 25 25 LYS LYS A . n 
A 1 26 PRO 26 26 26 PRO PRO A . n 
A 1 27 ASN 27 27 27 ASN ASN A . n 
A 1 28 GLY 28 28 28 GLY GLY A . n 
A 1 29 LYS 29 29 29 LYS LYS A . n 
A 1 30 CYS 30 30 30 CYS CYS A . n 
A 1 31 MET 31 31 31 MET MET A . n 
A 1 32 ASN 32 32 32 ASN ASN A . n 
A 1 33 GLY 33 33 33 GLY GLY A . n 
A 1 34 LYS 34 34 34 LYS LYS A . n 
A 1 35 CYS 35 35 35 CYS CYS A . n 
A 1 36 ARG 36 36 36 ARG ARG A . n 
A 1 37 CYS 37 37 37 CYS CYS A . n 
A 1 38 TYR 38 38 38 TYR TYR A . n 
A 1 39 SER 39 39 ?  ?   ?   A . n 
# 
loop_
_pdbx_nonpoly_scheme.asym_id 
_pdbx_nonpoly_scheme.entity_id 
_pdbx_nonpoly_scheme.mon_id 
_pdbx_nonpoly_scheme.ndb_seq_num 
_pdbx_nonpoly_scheme.pdb_seq_num 
_pdbx_nonpoly_scheme.auth_seq_num 
_pdbx_nonpoly_scheme.pdb_mon_id 
_pdbx_nonpoly_scheme.auth_mon_id 
_pdbx_nonpoly_scheme.pdb_strand_id 
_pdbx_nonpoly_scheme.pdb_ins_code 
B 2 HOH 1  101 14 HOH HOH A . 
B 2 HOH 2  102 8  HOH HOH A . 
B 2 HOH 3  103 23 HOH HOH A . 
B 2 HOH 4  104 43 HOH HOH A . 
B 2 HOH 5  105 39 HOH HOH A . 
B 2 HOH 6  106 9  HOH HOH A . 
B 2 HOH 7  107 38 HOH HOH A . 
B 2 HOH 8  108 28 HOH HOH A . 
B 2 HOH 9  109 21 HOH HOH A . 
B 2 HOH 10 110 22 HOH HOH A . 
B 2 HOH 11 111 13 HOH HOH A . 
B 2 HOH 12 112 10 HOH HOH A . 
B 2 HOH 13 113 7  HOH HOH A . 
B 2 HOH 14 114 31 HOH HOH A . 
B 2 HOH 15 115 3  HOH HOH A . 
B 2 HOH 16 116 18 HOH HOH A . 
B 2 HOH 17 117 24 HOH HOH A . 
B 2 HOH 18 118 5  HOH HOH A . 
B 2 HOH 19 119 1  HOH HOH A . 
B 2 HOH 20 120 4  HOH HOH A . 
B 2 HOH 21 121 27 HOH HOH A . 
B 2 HOH 22 122 2  HOH HOH A . 
B 2 HOH 23 123 6  HOH HOH A . 
B 2 HOH 24 124 26 HOH HOH A . 
B 2 HOH 25 125 29 HOH HOH A . 
B 2 HOH 26 126 41 HOH HOH A . 
B 2 HOH 27 127 16 HOH HOH A . 
B 2 HOH 28 128 40 HOH HOH A . 
B 2 HOH 29 129 12 HOH HOH A . 
B 2 HOH 30 130 34 HOH HOH A . 
B 2 HOH 31 131 19 HOH HOH A . 
B 2 HOH 32 132 30 HOH HOH A . 
B 2 HOH 33 133 37 HOH HOH A . 
B 2 HOH 34 134 33 HOH HOH A . 
B 2 HOH 35 135 42 HOH HOH A . 
B 2 HOH 36 136 15 HOH HOH A . 
B 2 HOH 37 137 25 HOH HOH A . 
# 
loop_
_pdbx_unobs_or_zero_occ_atoms.id 
_pdbx_unobs_or_zero_occ_atoms.PDB_model_num 
_pdbx_unobs_or_zero_occ_atoms.polymer_flag 
_pdbx_unobs_or_zero_occ_atoms.occupancy_flag 
_pdbx_unobs_or_zero_occ_atoms.auth_asym_id 
_pdbx_unobs_or_zero_occ_atoms.auth_comp_id 
_pdbx_unobs_or_zero_occ_atoms.auth_seq_id 
_pdbx_unobs_or_zero_occ_atoms.PDB_ins_code 
_pdbx_unobs_or_zero_occ_atoms.auth_atom_id 
_pdbx_unobs_or_zero_occ_atoms.label_alt_id 
_pdbx_unobs_or_zero_occ_atoms.label_asym_id 
_pdbx_unobs_or_zero_occ_atoms.label_comp_id 
_pdbx_unobs_or_zero_occ_atoms.label_seq_id 
_pdbx_unobs_or_zero_occ_atoms.label_atom_id 
1  1 Y 1 A SER 2  ? OG  ? A SER 2  OG  
2  1 Y 1 A GLN 3  ? CG  ? A GLN 3  CG  
3  1 Y 1 A GLN 3  ? CD  ? A GLN 3  CD  
4  1 Y 1 A GLN 3  ? OE1 ? A GLN 3  OE1 
5  1 Y 1 A GLN 3  ? NE2 ? A GLN 3  NE2 
6  1 Y 1 A PHE 4  ? CG  ? A PHE 4  CG  
7  1 Y 1 A PHE 4  ? CD1 ? A PHE 4  CD1 
8  1 Y 1 A PHE 4  ? CD2 ? A PHE 4  CD2 
9  1 Y 1 A PHE 4  ? CE1 ? A PHE 4  CE1 
10 1 Y 1 A PHE 4  ? CE2 ? A PHE 4  CE2 
11 1 Y 1 A PHE 4  ? CZ  ? A PHE 4  CZ  
12 1 Y 1 A ASN 27 ? CG  ? A ASN 27 CG  
13 1 Y 1 A ASN 27 ? OD1 ? A ASN 27 OD1 
14 1 Y 1 A ASN 27 ? ND2 ? A ASN 27 ND2 
# 
loop_
_software.citation_id 
_software.classification 
_software.compiler_name 
_software.compiler_version 
_software.contact_author 
_software.contact_author_email 
_software.date 
_software.description 
_software.dependencies 
_software.hardware 
_software.language 
_software.location 
_software.mods 
_software.name 
_software.os 
_software.os_version 
_software.type 
_software.version 
_software.pdbx_ordinal 
? refinement       ? ? ? ? ? ? ? ? ? ? ? REFMAC   ? ? ? 5.8.0158 1 
? 'data reduction' ? ? ? ? ? ? ? ? ? ? ? HKL-2000 ? ? ? .        2 
? 'data scaling'   ? ? ? ? ? ? ? ? ? ? ? HKL-2000 ? ? ? .        3 
? phasing          ? ? ? ? ? ? ? ? ? ? ? PHASER   ? ? ? .        4 
# 
_cell.angle_alpha                  90.00 
_cell.angle_alpha_esd              ? 
_cell.angle_beta                   90.00 
_cell.angle_beta_esd               ? 
_cell.angle_gamma                  120.00 
_cell.angle_gamma_esd              ? 
_cell.entry_id                     6AVC 
_cell.details                      ? 
_cell.formula_units_Z              ? 
_cell.length_a                     43.454 
_cell.length_a_esd                 ? 
_cell.length_b                     43.454 
_cell.length_b_esd                 ? 
_cell.length_c                     32.078 
_cell.length_c_esd                 ? 
_cell.volume                       ? 
_cell.volume_esd                   ? 
_cell.Z_PDB                        6 
_cell.reciprocal_angle_alpha       ? 
_cell.reciprocal_angle_beta        ? 
_cell.reciprocal_angle_gamma       ? 
_cell.reciprocal_angle_alpha_esd   ? 
_cell.reciprocal_angle_beta_esd    ? 
_cell.reciprocal_angle_gamma_esd   ? 
_cell.reciprocal_length_a          ? 
_cell.reciprocal_length_b          ? 
_cell.reciprocal_length_c          ? 
_cell.reciprocal_length_a_esd      ? 
_cell.reciprocal_length_b_esd      ? 
_cell.reciprocal_length_c_esd      ? 
_cell.pdbx_unique_axis             ? 
# 
_symmetry.entry_id                         6AVC 
_symmetry.cell_setting                     ? 
_symmetry.Int_Tables_number                154 
_symmetry.space_group_name_Hall            ? 
_symmetry.space_group_name_H-M             'P 32 2 1' 
_symmetry.pdbx_full_space_group_name_H-M   ? 
# 
_exptl.absorpt_coefficient_mu     ? 
_exptl.absorpt_correction_T_max   ? 
_exptl.absorpt_correction_T_min   ? 
_exptl.absorpt_correction_type    ? 
_exptl.absorpt_process_details    ? 
_exptl.entry_id                   6AVC 
_exptl.crystals_number            1 
_exptl.details                    ? 
_exptl.method                     'X-RAY DIFFRACTION' 
_exptl.method_details             ? 
# 
_exptl_crystal.colour                      ? 
_exptl_crystal.density_diffrn              ? 
_exptl_crystal.density_Matthews            2.01 
_exptl_crystal.density_method              ? 
_exptl_crystal.density_percent_sol         38.88 
_exptl_crystal.description                 ? 
_exptl_crystal.F_000                       ? 
_exptl_crystal.id                          1 
_exptl_crystal.preparation                 ? 
_exptl_crystal.size_max                    ? 
_exptl_crystal.size_mid                    ? 
_exptl_crystal.size_min                    ? 
_exptl_crystal.size_rad                    ? 
_exptl_crystal.colour_lustre               ? 
_exptl_crystal.colour_modifier             ? 
_exptl_crystal.colour_primary              ? 
_exptl_crystal.density_meas                ? 
_exptl_crystal.density_meas_esd            ? 
_exptl_crystal.density_meas_gt             ? 
_exptl_crystal.density_meas_lt             ? 
_exptl_crystal.density_meas_temp           ? 
_exptl_crystal.density_meas_temp_esd       ? 
_exptl_crystal.density_meas_temp_gt        ? 
_exptl_crystal.density_meas_temp_lt        ? 
_exptl_crystal.pdbx_crystal_image_url      ? 
_exptl_crystal.pdbx_crystal_image_format   ? 
_exptl_crystal.pdbx_mosaicity              ? 
_exptl_crystal.pdbx_mosaicity_esd          ? 
# 
_exptl_crystal_grow.apparatus       ? 
_exptl_crystal_grow.atmosphere      ? 
_exptl_crystal_grow.crystal_id      1 
_exptl_crystal_grow.details         ? 
_exptl_crystal_grow.method          'VAPOR DIFFUSION, SITTING DROP' 
_exptl_crystal_grow.method_ref      ? 
_exptl_crystal_grow.pH              7.0 
_exptl_crystal_grow.pressure        ? 
_exptl_crystal_grow.pressure_esd    ? 
_exptl_crystal_grow.seeding         ? 
_exptl_crystal_grow.seeding_ref     ? 
_exptl_crystal_grow.temp            298 
_exptl_crystal_grow.temp_details    ? 
_exptl_crystal_grow.temp_esd        ? 
_exptl_crystal_grow.time            ? 
_exptl_crystal_grow.pdbx_details    '200 mM Na Malonate pH 7, 17% PEG 3350' 
_exptl_crystal_grow.pdbx_pH_range   ? 
# 
_diffrn.ambient_environment    ? 
_diffrn.ambient_temp           100 
_diffrn.ambient_temp_details   ? 
_diffrn.ambient_temp_esd       ? 
_diffrn.crystal_id             1 
_diffrn.crystal_support        ? 
_diffrn.crystal_treatment      ? 
_diffrn.details                ? 
_diffrn.id                     1 
_diffrn.ambient_pressure       ? 
_diffrn.ambient_pressure_esd   ? 
_diffrn.ambient_pressure_gt    ? 
_diffrn.ambient_pressure_lt    ? 
_diffrn.ambient_temp_gt        ? 
_diffrn.ambient_temp_lt        ? 
# 
_diffrn_detector.details                      ? 
_diffrn_detector.detector                     CCD 
_diffrn_detector.diffrn_id                    1 
_diffrn_detector.type                         'RIGAKU SATURN 944' 
_diffrn_detector.area_resol_mean              ? 
_diffrn_detector.dtime                        ? 
_diffrn_detector.pdbx_frames_total            ? 
_diffrn_detector.pdbx_collection_time_total   ? 
_diffrn_detector.pdbx_collection_date         2015-07-21 
# 
_diffrn_radiation.collimation                      ? 
_diffrn_radiation.diffrn_id                        1 
_diffrn_radiation.filter_edge                      ? 
_diffrn_radiation.inhomogeneity                    ? 
_diffrn_radiation.monochromator                    ? 
_diffrn_radiation.polarisn_norm                    ? 
_diffrn_radiation.polarisn_ratio                   ? 
_diffrn_radiation.probe                            ? 
_diffrn_radiation.type                             ? 
_diffrn_radiation.xray_symbol                      ? 
_diffrn_radiation.wavelength_id                    1 
_diffrn_radiation.pdbx_monochromatic_or_laue_m_l   M 
_diffrn_radiation.pdbx_wavelength_list             ? 
_diffrn_radiation.pdbx_wavelength                  ? 
_diffrn_radiation.pdbx_diffrn_protocol             'SINGLE WAVELENGTH' 
_diffrn_radiation.pdbx_analyzer                    ? 
_diffrn_radiation.pdbx_scattering_type             x-ray 
# 
_diffrn_radiation_wavelength.id           1 
_diffrn_radiation_wavelength.wavelength   1.54 
_diffrn_radiation_wavelength.wt           1.0 
# 
_diffrn_source.current                     ? 
_diffrn_source.details                     ? 
_diffrn_source.diffrn_id                   1 
_diffrn_source.power                       ? 
_diffrn_source.size                        ? 
_diffrn_source.source                      'ROTATING ANODE' 
_diffrn_source.target                      ? 
_diffrn_source.type                        'RIGAKU MICROMAX-007 HF' 
_diffrn_source.voltage                     ? 
_diffrn_source.take-off_angle              ? 
_diffrn_source.pdbx_wavelength_list        1.54 
_diffrn_source.pdbx_wavelength             ? 
_diffrn_source.pdbx_synchrotron_beamline   ? 
_diffrn_source.pdbx_synchrotron_site       ? 
# 
_reflns.B_iso_Wilson_estimate            ? 
_reflns.entry_id                         6AVC 
_reflns.data_reduction_details           ? 
_reflns.data_reduction_method            ? 
_reflns.d_resolution_high                1.88 
_reflns.d_resolution_low                 50 
_reflns.details                          ? 
_reflns.limit_h_max                      ? 
_reflns.limit_h_min                      ? 
_reflns.limit_k_max                      ? 
_reflns.limit_k_min                      ? 
_reflns.limit_l_max                      ? 
_reflns.limit_l_min                      ? 
_reflns.number_all                       ? 
_reflns.number_obs                       2578 
_reflns.observed_criterion               ? 
_reflns.observed_criterion_F_max         ? 
_reflns.observed_criterion_F_min         ? 
_reflns.observed_criterion_I_max         ? 
_reflns.observed_criterion_I_min         ? 
_reflns.observed_criterion_sigma_F       ? 
_reflns.observed_criterion_sigma_I       ? 
_reflns.percent_possible_obs             85.2 
_reflns.R_free_details                   ? 
_reflns.Rmerge_F_all                     ? 
_reflns.Rmerge_F_obs                     ? 
_reflns.Friedel_coverage                 ? 
_reflns.number_gt                        ? 
_reflns.threshold_expression             ? 
_reflns.pdbx_redundancy                  57.7 
_reflns.pdbx_Rmerge_I_obs                0.100 
_reflns.pdbx_Rmerge_I_all                ? 
_reflns.pdbx_Rsym_value                  ? 
_reflns.pdbx_netI_over_av_sigmaI         ? 
_reflns.pdbx_netI_over_sigmaI            59.3 
_reflns.pdbx_res_netI_over_av_sigmaI_2   ? 
_reflns.pdbx_res_netI_over_sigmaI_2      ? 
_reflns.pdbx_chi_squared                 1.941 
_reflns.pdbx_scaling_rejects             ? 
_reflns.pdbx_d_res_high_opt              ? 
_reflns.pdbx_d_res_low_opt               ? 
_reflns.pdbx_d_res_opt_method            ? 
_reflns.phase_calculation_details        ? 
_reflns.pdbx_Rrim_I_all                  ? 
_reflns.pdbx_Rpim_I_all                  0.013 
_reflns.pdbx_d_opt                       ? 
_reflns.pdbx_number_measured_all         ? 
_reflns.pdbx_diffrn_id                   1 
_reflns.pdbx_ordinal                     1 
_reflns.pdbx_CC_half                     ? 
_reflns.pdbx_R_split                     ? 
# 
_reflns_shell.d_res_high                  1.88 
_reflns_shell.d_res_low                   1.95 
_reflns_shell.meanI_over_sigI_all         ? 
_reflns_shell.meanI_over_sigI_obs         16.2 
_reflns_shell.number_measured_all         ? 
_reflns_shell.number_measured_obs         ? 
_reflns_shell.number_possible             ? 
_reflns_shell.number_unique_all           ? 
_reflns_shell.number_unique_obs           108 
_reflns_shell.percent_possible_all        38 
_reflns_shell.percent_possible_obs        ? 
_reflns_shell.Rmerge_F_all                ? 
_reflns_shell.Rmerge_F_obs                ? 
_reflns_shell.Rmerge_I_all                ? 
_reflns_shell.Rmerge_I_obs                0.415 
_reflns_shell.meanI_over_sigI_gt          ? 
_reflns_shell.meanI_over_uI_all           ? 
_reflns_shell.meanI_over_uI_gt            ? 
_reflns_shell.number_measured_gt          ? 
_reflns_shell.number_unique_gt            ? 
_reflns_shell.percent_possible_gt         ? 
_reflns_shell.Rmerge_F_gt                 ? 
_reflns_shell.Rmerge_I_gt                 ? 
_reflns_shell.pdbx_redundancy             40.4 
_reflns_shell.pdbx_Rsym_value             ? 
_reflns_shell.pdbx_chi_squared            2.322 
_reflns_shell.pdbx_netI_over_sigmaI_all   ? 
_reflns_shell.pdbx_netI_over_sigmaI_obs   ? 
_reflns_shell.pdbx_Rrim_I_all             ? 
_reflns_shell.pdbx_Rpim_I_all             0.421 
_reflns_shell.pdbx_rejects                ? 
_reflns_shell.pdbx_ordinal                1 
_reflns_shell.pdbx_diffrn_id              1 
_reflns_shell.pdbx_CC_half                0.983 
_reflns_shell.pdbx_R_split                ? 
# 
_refine.aniso_B[1][1]                            0.31 
_refine.aniso_B[1][2]                            0.15 
_refine.aniso_B[1][3]                            0.00 
_refine.aniso_B[2][2]                            0.31 
_refine.aniso_B[2][3]                            0.00 
_refine.aniso_B[3][3]                            -0.99 
_refine.B_iso_max                                ? 
_refine.B_iso_mean                               24.374 
_refine.B_iso_min                                ? 
_refine.correlation_coeff_Fo_to_Fc               0.959 
_refine.correlation_coeff_Fo_to_Fc_free          0.928 
_refine.details                                  'HYDROGENS HAVE BEEN ADDED IN THE RIDING POSITIONS' 
_refine.diff_density_max                         ? 
_refine.diff_density_max_esd                     ? 
_refine.diff_density_min                         ? 
_refine.diff_density_min_esd                     ? 
_refine.diff_density_rms                         ? 
_refine.diff_density_rms_esd                     ? 
_refine.entry_id                                 6AVC 
_refine.pdbx_refine_id                           'X-RAY DIFFRACTION' 
_refine.ls_abs_structure_details                 ? 
_refine.ls_abs_structure_Flack                   ? 
_refine.ls_abs_structure_Flack_esd               ? 
_refine.ls_abs_structure_Rogers                  ? 
_refine.ls_abs_structure_Rogers_esd              ? 
_refine.ls_d_res_high                            1.88 
_refine.ls_d_res_low                             37.63 
_refine.ls_extinction_coef                       ? 
_refine.ls_extinction_coef_esd                   ? 
_refine.ls_extinction_expression                 ? 
_refine.ls_extinction_method                     ? 
_refine.ls_goodness_of_fit_all                   ? 
_refine.ls_goodness_of_fit_all_esd               ? 
_refine.ls_goodness_of_fit_obs                   ? 
_refine.ls_goodness_of_fit_obs_esd               ? 
_refine.ls_hydrogen_treatment                    ? 
_refine.ls_matrix_type                           ? 
_refine.ls_number_constraints                    ? 
_refine.ls_number_parameters                     ? 
_refine.ls_number_reflns_all                     ? 
_refine.ls_number_reflns_obs                     2443 
_refine.ls_number_reflns_R_free                  131 
_refine.ls_number_reflns_R_work                  ? 
_refine.ls_number_restraints                     ? 
_refine.ls_percent_reflns_obs                    85.77 
_refine.ls_percent_reflns_R_free                 5.1 
_refine.ls_R_factor_all                          ? 
_refine.ls_R_factor_obs                          0.16449 
_refine.ls_R_factor_R_free                       0.23813 
_refine.ls_R_factor_R_free_error                 ? 
_refine.ls_R_factor_R_free_error_details         ? 
_refine.ls_R_factor_R_work                       0.16056 
_refine.ls_R_Fsqd_factor_obs                     ? 
_refine.ls_R_I_factor_obs                        ? 
_refine.ls_redundancy_reflns_all                 ? 
_refine.ls_redundancy_reflns_obs                 ? 
_refine.ls_restrained_S_all                      ? 
_refine.ls_restrained_S_obs                      ? 
_refine.ls_shift_over_esd_max                    ? 
_refine.ls_shift_over_esd_mean                   ? 
_refine.ls_structure_factor_coef                 ? 
_refine.ls_weighting_details                     ? 
_refine.ls_weighting_scheme                      ? 
_refine.ls_wR_factor_all                         ? 
_refine.ls_wR_factor_obs                         ? 
_refine.ls_wR_factor_R_free                      ? 
_refine.ls_wR_factor_R_work                      ? 
_refine.occupancy_max                            ? 
_refine.occupancy_min                            ? 
_refine.solvent_model_details                    ? 
_refine.solvent_model_param_bsol                 ? 
_refine.solvent_model_param_ksol                 ? 
_refine.ls_R_factor_gt                           ? 
_refine.ls_goodness_of_fit_gt                    ? 
_refine.ls_goodness_of_fit_ref                   ? 
_refine.ls_shift_over_su_max                     ? 
_refine.ls_shift_over_su_max_lt                  ? 
_refine.ls_shift_over_su_mean                    ? 
_refine.ls_shift_over_su_mean_lt                 ? 
_refine.pdbx_ls_sigma_I                          ? 
_refine.pdbx_ls_sigma_F                          ? 
_refine.pdbx_ls_sigma_Fsqd                       ? 
_refine.pdbx_data_cutoff_high_absF               ? 
_refine.pdbx_data_cutoff_high_rms_absF           ? 
_refine.pdbx_data_cutoff_low_absF                ? 
_refine.pdbx_isotropic_thermal_model             ? 
_refine.pdbx_ls_cross_valid_method               THROUGHOUT 
_refine.pdbx_method_to_determine_struct          'MOLECULAR REPLACEMENT' 
_refine.pdbx_starting_model                      1C49 
_refine.pdbx_stereochemistry_target_values       ? 
_refine.pdbx_R_Free_selection_details            RANDOM 
_refine.pdbx_stereochem_target_val_spec_case     ? 
_refine.pdbx_overall_ESU_R                       0.164 
_refine.pdbx_overall_ESU_R_Free                  0.171 
_refine.pdbx_solvent_vdw_probe_radii             1.20 
_refine.pdbx_solvent_ion_probe_radii             0.80 
_refine.pdbx_solvent_shrinkage_radii             0.80 
_refine.pdbx_real_space_R                        ? 
_refine.pdbx_density_correlation                 ? 
_refine.pdbx_pd_number_of_powder_patterns        ? 
_refine.pdbx_pd_number_of_points                 ? 
_refine.pdbx_pd_meas_number_of_points            ? 
_refine.pdbx_pd_proc_ls_prof_R_factor            ? 
_refine.pdbx_pd_proc_ls_prof_wR_factor           ? 
_refine.pdbx_pd_Marquardt_correlation_coeff      ? 
_refine.pdbx_pd_Fsqrd_R_factor                   ? 
_refine.pdbx_pd_ls_matrix_band_width             ? 
_refine.pdbx_overall_phase_error                 ? 
_refine.pdbx_overall_SU_R_free_Cruickshank_DPI   ? 
_refine.pdbx_overall_SU_R_free_Blow_DPI          ? 
_refine.pdbx_overall_SU_R_Blow_DPI               ? 
_refine.pdbx_TLS_residual_ADP_flag               ? 
_refine.pdbx_diffrn_id                           1 
_refine.overall_SU_B                             6.117 
_refine.overall_SU_ML                            0.092 
_refine.overall_SU_R_Cruickshank_DPI             ? 
_refine.overall_SU_R_free                        ? 
_refine.overall_FOM_free_R_set                   ? 
_refine.overall_FOM_work_R_set                   ? 
_refine.pdbx_average_fsc_overall                 ? 
_refine.pdbx_average_fsc_work                    ? 
_refine.pdbx_average_fsc_free                    ? 
# 
_refine_hist.pdbx_refine_id                   'X-RAY DIFFRACTION' 
_refine_hist.cycle_id                         1 
_refine_hist.pdbx_number_atoms_protein        272 
_refine_hist.pdbx_number_atoms_nucleic_acid   0 
_refine_hist.pdbx_number_atoms_ligand         0 
_refine_hist.number_atoms_solvent             37 
_refine_hist.number_atoms_total               309 
_refine_hist.d_res_high                       1.88 
_refine_hist.d_res_low                        37.63 
# 
loop_
_refine_ls_restr.pdbx_refine_id 
_refine_ls_restr.criterion 
_refine_ls_restr.dev_ideal 
_refine_ls_restr.dev_ideal_target 
_refine_ls_restr.number 
_refine_ls_restr.rejects 
_refine_ls_restr.type 
_refine_ls_restr.weight 
_refine_ls_restr.pdbx_restraint_function 
'X-RAY DIFFRACTION' ? 0.020  0.020  280 ? r_bond_refined_d             ? ? 
'X-RAY DIFFRACTION' ? 0.004  0.020  254 ? r_bond_other_d               ? ? 
'X-RAY DIFFRACTION' ? 1.611  1.955  374 ? r_angle_refined_deg          ? ? 
'X-RAY DIFFRACTION' ? 0.785  3.000  596 ? r_angle_other_deg            ? ? 
'X-RAY DIFFRACTION' ? 7.691  5.000  36  ? r_dihedral_angle_1_deg       ? ? 
'X-RAY DIFFRACTION' ? 40.813 23.750 8   ? r_dihedral_angle_2_deg       ? ? 
'X-RAY DIFFRACTION' ? 17.023 15.000 53  ? r_dihedral_angle_3_deg       ? ? 
'X-RAY DIFFRACTION' ? 44.922 15.000 1   ? r_dihedral_angle_4_deg       ? ? 
'X-RAY DIFFRACTION' ? 0.102  0.200  37  ? r_chiral_restr               ? ? 
'X-RAY DIFFRACTION' ? 0.012  0.021  300 ? r_gen_planes_refined         ? ? 
'X-RAY DIFFRACTION' ? 0.002  0.020  53  ? r_gen_planes_other           ? ? 
'X-RAY DIFFRACTION' ? ?      ?      ?   ? r_nbd_refined                ? ? 
'X-RAY DIFFRACTION' ? ?      ?      ?   ? r_nbd_other                  ? ? 
'X-RAY DIFFRACTION' ? ?      ?      ?   ? r_nbtor_refined              ? ? 
'X-RAY DIFFRACTION' ? ?      ?      ?   ? r_nbtor_other                ? ? 
'X-RAY DIFFRACTION' ? ?      ?      ?   ? r_xyhbond_nbd_refined        ? ? 
'X-RAY DIFFRACTION' ? ?      ?      ?   ? r_xyhbond_nbd_other          ? ? 
'X-RAY DIFFRACTION' ? ?      ?      ?   ? r_metal_ion_refined          ? ? 
'X-RAY DIFFRACTION' ? ?      ?      ?   ? r_metal_ion_other            ? ? 
'X-RAY DIFFRACTION' ? ?      ?      ?   ? r_symmetry_vdw_refined       ? ? 
'X-RAY DIFFRACTION' ? ?      ?      ?   ? r_symmetry_vdw_other         ? ? 
'X-RAY DIFFRACTION' ? ?      ?      ?   ? r_symmetry_hbond_refined     ? ? 
'X-RAY DIFFRACTION' ? ?      ?      ?   ? r_symmetry_hbond_other       ? ? 
'X-RAY DIFFRACTION' ? ?      ?      ?   ? r_symmetry_metal_ion_refined ? ? 
'X-RAY DIFFRACTION' ? ?      ?      ?   ? r_symmetry_metal_ion_other   ? ? 
'X-RAY DIFFRACTION' ? 1.818  2.117  147 ? r_mcbond_it                  ? ? 
'X-RAY DIFFRACTION' ? 1.809  2.107  146 ? r_mcbond_other               ? ? 
'X-RAY DIFFRACTION' ? 2.681  3.528  182 ? r_mcangle_it                 ? ? 
'X-RAY DIFFRACTION' ? 2.681  3.539  183 ? r_mcangle_other              ? ? 
'X-RAY DIFFRACTION' ? 2.683  2.505  133 ? r_scbond_it                  ? ? 
'X-RAY DIFFRACTION' ? 2.673  2.515  134 ? r_scbond_other               ? ? 
'X-RAY DIFFRACTION' ? ?      ?      ?   ? r_scangle_it                 ? ? 
'X-RAY DIFFRACTION' ? 4.014  4.045  193 ? r_scangle_other              ? ? 
'X-RAY DIFFRACTION' ? 6.519  19.913 305 ? r_long_range_B_refined       ? ? 
'X-RAY DIFFRACTION' ? 5.649  18.865 297 ? r_long_range_B_other         ? ? 
'X-RAY DIFFRACTION' ? ?      ?      ?   ? r_rigid_bond_restr           ? ? 
'X-RAY DIFFRACTION' ? ?      ?      ?   ? r_sphericity_free            ? ? 
'X-RAY DIFFRACTION' ? ?      ?      ?   ? r_sphericity_bonded          ? ? 
# 
_refine_ls_shell.pdbx_refine_id                   'X-RAY DIFFRACTION' 
_refine_ls_shell.d_res_high                       1.884 
_refine_ls_shell.d_res_low                        1.932 
_refine_ls_shell.number_reflns_all                ? 
_refine_ls_shell.number_reflns_obs                ? 
_refine_ls_shell.number_reflns_R_free             5 
_refine_ls_shell.number_reflns_R_work             83 
_refine_ls_shell.percent_reflns_obs               41.51 
_refine_ls_shell.percent_reflns_R_free            ? 
_refine_ls_shell.R_factor_all                     ? 
_refine_ls_shell.R_factor_obs                     ? 
_refine_ls_shell.R_factor_R_free                  0.212 
_refine_ls_shell.R_factor_R_free_error            ? 
_refine_ls_shell.R_factor_R_work                  0.170 
_refine_ls_shell.redundancy_reflns_all            ? 
_refine_ls_shell.redundancy_reflns_obs            ? 
_refine_ls_shell.wR_factor_all                    ? 
_refine_ls_shell.wR_factor_obs                    ? 
_refine_ls_shell.wR_factor_R_free                 ? 
_refine_ls_shell.wR_factor_R_work                 ? 
_refine_ls_shell.pdbx_total_number_of_bins_used   20 
_refine_ls_shell.pdbx_phase_error                 ? 
_refine_ls_shell.pdbx_fsc_work                    ? 
_refine_ls_shell.pdbx_fsc_free                    ? 
# 
_struct.entry_id                     6AVC 
_struct.title                        'Exploring Cystine Dense Peptide Space to Open a Unique Molecular Toolbox' 
_struct.pdbx_model_details           ? 
_struct.pdbx_formula_weight          ? 
_struct.pdbx_formula_weight_method   ? 
_struct.pdbx_model_type_details      ? 
_struct.pdbx_CASP_flag               N 
# 
_struct_keywords.entry_id        6AVC 
_struct_keywords.text            'Knottins, Cystine knot, Toxins, TOXIN' 
_struct_keywords.pdbx_keywords   TOXIN 
# 
loop_
_struct_asym.id 
_struct_asym.pdbx_blank_PDB_chainid_flag 
_struct_asym.pdbx_modified 
_struct_asym.entity_id 
_struct_asym.details 
A N N 1 ? 
B N N 2 ? 
# 
_struct_ref.id                         1 
_struct_ref.db_name                    UNP 
_struct_ref.db_code                    KAX15_MESMA 
_struct_ref.pdbx_db_accession          Q9NII6 
_struct_ref.pdbx_db_isoform            ? 
_struct_ref.entity_id                  1 
_struct_ref.pdbx_seq_one_letter_code   QFTDVKCTGSKQCWPVCKQMFGKPNGKCMNGKCRCYS 
_struct_ref.pdbx_align_begin           21 
# 
_struct_ref_seq.align_id                      1 
_struct_ref_seq.ref_id                        1 
_struct_ref_seq.pdbx_PDB_id_code              6AVC 
_struct_ref_seq.pdbx_strand_id                A 
_struct_ref_seq.seq_align_beg                 3 
_struct_ref_seq.pdbx_seq_align_beg_ins_code   ? 
_struct_ref_seq.seq_align_end                 39 
_struct_ref_seq.pdbx_seq_align_end_ins_code   ? 
_struct_ref_seq.pdbx_db_accession             Q9NII6 
_struct_ref_seq.db_align_beg                  21 
_struct_ref_seq.pdbx_db_align_beg_ins_code    ? 
_struct_ref_seq.db_align_end                  57 
_struct_ref_seq.pdbx_db_align_end_ins_code    ? 
_struct_ref_seq.pdbx_auth_seq_align_beg       3 
_struct_ref_seq.pdbx_auth_seq_align_end       39 
# 
loop_
_struct_ref_seq_dif.align_id 
_struct_ref_seq_dif.pdbx_pdb_id_code 
_struct_ref_seq_dif.mon_id 
_struct_ref_seq_dif.pdbx_pdb_strand_id 
_struct_ref_seq_dif.seq_num 
_struct_ref_seq_dif.pdbx_pdb_ins_code 
_struct_ref_seq_dif.pdbx_seq_db_name 
_struct_ref_seq_dif.pdbx_seq_db_accession_code 
_struct_ref_seq_dif.db_mon_id 
_struct_ref_seq_dif.pdbx_seq_db_seq_num 
_struct_ref_seq_dif.details 
_struct_ref_seq_dif.pdbx_auth_seq_num 
_struct_ref_seq_dif.pdbx_ordinal 
1 6AVC GLY A 1 ? UNP Q9NII6 ? ? 'expression tag' 1 1 
1 6AVC SER A 2 ? UNP Q9NII6 ? ? 'expression tag' 2 2 
# 
_pdbx_struct_assembly.id                   1 
_pdbx_struct_assembly.details              author_and_software_defined_assembly 
_pdbx_struct_assembly.method_details       PISA 
_pdbx_struct_assembly.oligomeric_details   monomeric 
_pdbx_struct_assembly.oligomeric_count     1 
# 
_pdbx_struct_assembly_gen.assembly_id       1 
_pdbx_struct_assembly_gen.oper_expression   1 
_pdbx_struct_assembly_gen.asym_id_list      A,B 
# 
_pdbx_struct_assembly_auth_evidence.id                     1 
_pdbx_struct_assembly_auth_evidence.assembly_id            1 
_pdbx_struct_assembly_auth_evidence.experimental_support   none 
_pdbx_struct_assembly_auth_evidence.details                ? 
# 
_pdbx_struct_oper_list.id                   1 
_pdbx_struct_oper_list.type                 'identity operation' 
_pdbx_struct_oper_list.name                 1_555 
_pdbx_struct_oper_list.symmetry_operation   x,y,z 
_pdbx_struct_oper_list.matrix[1][1]         1.0000000000 
_pdbx_struct_oper_list.matrix[1][2]         0.0000000000 
_pdbx_struct_oper_list.matrix[1][3]         0.0000000000 
_pdbx_struct_oper_list.vector[1]            0.0000000000 
_pdbx_struct_oper_list.matrix[2][1]         0.0000000000 
_pdbx_struct_oper_list.matrix[2][2]         1.0000000000 
_pdbx_struct_oper_list.matrix[2][3]         0.0000000000 
_pdbx_struct_oper_list.vector[2]            0.0000000000 
_pdbx_struct_oper_list.matrix[3][1]         0.0000000000 
_pdbx_struct_oper_list.matrix[3][2]         0.0000000000 
_pdbx_struct_oper_list.matrix[3][3]         1.0000000000 
_pdbx_struct_oper_list.vector[3]            0.0000000000 
# 
loop_
_struct_conf.conf_type_id 
_struct_conf.id 
_struct_conf.pdbx_PDB_helix_id 
_struct_conf.beg_label_comp_id 
_struct_conf.beg_label_asym_id 
_struct_conf.beg_label_seq_id 
_struct_conf.pdbx_beg_PDB_ins_code 
_struct_conf.end_label_comp_id 
_struct_conf.end_label_asym_id 
_struct_conf.end_label_seq_id 
_struct_conf.pdbx_end_PDB_ins_code 
_struct_conf.beg_auth_comp_id 
_struct_conf.beg_auth_asym_id 
_struct_conf.beg_auth_seq_id 
_struct_conf.end_auth_comp_id 
_struct_conf.end_auth_asym_id 
_struct_conf.end_auth_seq_id 
_struct_conf.pdbx_PDB_helix_class 
_struct_conf.details 
_struct_conf.pdbx_PDB_helix_length 
HELX_P HELX_P1 AA1 GLY A 11 ? LYS A 13 ? GLY A 11 LYS A 13 5 ? 3  
HELX_P HELX_P2 AA2 GLN A 14 ? GLY A 24 ? GLN A 14 GLY A 24 1 ? 11 
# 
_struct_conf_type.id          HELX_P 
_struct_conf_type.criteria    ? 
_struct_conf_type.reference   ? 
# 
loop_
_struct_conn.id 
_struct_conn.conn_type_id 
_struct_conn.pdbx_leaving_atom_flag 
_struct_conn.pdbx_PDB_id 
_struct_conn.ptnr1_label_asym_id 
_struct_conn.ptnr1_label_comp_id 
_struct_conn.ptnr1_label_seq_id 
_struct_conn.ptnr1_label_atom_id 
_struct_conn.pdbx_ptnr1_label_alt_id 
_struct_conn.pdbx_ptnr1_PDB_ins_code 
_struct_conn.pdbx_ptnr1_standard_comp_id 
_struct_conn.ptnr1_symmetry 
_struct_conn.ptnr2_label_asym_id 
_struct_conn.ptnr2_label_comp_id 
_struct_conn.ptnr2_label_seq_id 
_struct_conn.ptnr2_label_atom_id 
_struct_conn.pdbx_ptnr2_label_alt_id 
_struct_conn.pdbx_ptnr2_PDB_ins_code 
_struct_conn.ptnr1_auth_asym_id 
_struct_conn.ptnr1_auth_comp_id 
_struct_conn.ptnr1_auth_seq_id 
_struct_conn.ptnr2_auth_asym_id 
_struct_conn.ptnr2_auth_comp_id 
_struct_conn.ptnr2_auth_seq_id 
_struct_conn.ptnr2_symmetry 
_struct_conn.pdbx_ptnr3_label_atom_id 
_struct_conn.pdbx_ptnr3_label_seq_id 
_struct_conn.pdbx_ptnr3_label_comp_id 
_struct_conn.pdbx_ptnr3_label_asym_id 
_struct_conn.pdbx_ptnr3_label_alt_id 
_struct_conn.pdbx_ptnr3_PDB_ins_code 
_struct_conn.details 
_struct_conn.pdbx_dist_value 
_struct_conn.pdbx_value_order 
_struct_conn.pdbx_role 
disulf1 disulf ? ? A CYS 9  SG ? ? ? 1_555 A CYS 30 SG ? ? A CYS 9  A CYS 30 1_555 ? ? ? ? ? ? ? 2.086 ? ? 
disulf2 disulf ? ? A CYS 15 SG ? ? ? 1_555 A CYS 35 SG ? ? A CYS 15 A CYS 35 1_555 ? ? ? ? ? ? ? 2.062 ? ? 
disulf3 disulf ? ? A CYS 19 SG ? ? ? 1_555 A CYS 37 SG ? ? A CYS 19 A CYS 37 1_555 ? ? ? ? ? ? ? 2.086 ? ? 
# 
_struct_conn_type.id          disulf 
_struct_conn_type.criteria    ? 
_struct_conn_type.reference   ? 
# 
loop_
_pdbx_modification_feature.ordinal 
_pdbx_modification_feature.label_comp_id 
_pdbx_modification_feature.label_asym_id 
_pdbx_modification_feature.label_seq_id 
_pdbx_modification_feature.label_alt_id 
_pdbx_modification_feature.modified_residue_label_comp_id 
_pdbx_modification_feature.modified_residue_label_asym_id 
_pdbx_modification_feature.modified_residue_label_seq_id 
_pdbx_modification_feature.modified_residue_label_alt_id 
_pdbx_modification_feature.auth_comp_id 
_pdbx_modification_feature.auth_asym_id 
_pdbx_modification_feature.auth_seq_id 
_pdbx_modification_feature.PDB_ins_code 
_pdbx_modification_feature.symmetry 
_pdbx_modification_feature.modified_residue_auth_comp_id 
_pdbx_modification_feature.modified_residue_auth_asym_id 
_pdbx_modification_feature.modified_residue_auth_seq_id 
_pdbx_modification_feature.modified_residue_PDB_ins_code 
_pdbx_modification_feature.modified_residue_symmetry 
_pdbx_modification_feature.comp_id_linking_atom 
_pdbx_modification_feature.modified_residue_id_linking_atom 
_pdbx_modification_feature.modified_residue_id 
_pdbx_modification_feature.ref_pcm_id 
_pdbx_modification_feature.ref_comp_id 
_pdbx_modification_feature.type 
_pdbx_modification_feature.category 
1 CYS A 9  ? CYS A 30 ? CYS A 9  ? 1_555 CYS A 30 ? 1_555 SG SG . . . None 'Disulfide bridge' 
2 CYS A 15 ? CYS A 35 ? CYS A 15 ? 1_555 CYS A 35 ? 1_555 SG SG . . . None 'Disulfide bridge' 
3 CYS A 19 ? CYS A 37 ? CYS A 19 ? 1_555 CYS A 37 ? 1_555 SG SG . . . None 'Disulfide bridge' 
# 
_struct_sheet.id               AA1 
_struct_sheet.type             ? 
_struct_sheet.number_strands   3 
_struct_sheet.details          ? 
# 
loop_
_struct_sheet_order.sheet_id 
_struct_sheet_order.range_id_1 
_struct_sheet_order.range_id_2 
_struct_sheet_order.offset 
_struct_sheet_order.sense 
AA1 1 2 ? anti-parallel 
AA1 2 3 ? anti-parallel 
# 
loop_
_struct_sheet_range.sheet_id 
_struct_sheet_range.id 
_struct_sheet_range.beg_label_comp_id 
_struct_sheet_range.beg_label_asym_id 
_struct_sheet_range.beg_label_seq_id 
_struct_sheet_range.pdbx_beg_PDB_ins_code 
_struct_sheet_range.end_label_comp_id 
_struct_sheet_range.end_label_asym_id 
_struct_sheet_range.end_label_seq_id 
_struct_sheet_range.pdbx_end_PDB_ins_code 
_struct_sheet_range.beg_auth_comp_id 
_struct_sheet_range.beg_auth_asym_id 
_struct_sheet_range.beg_auth_seq_id 
_struct_sheet_range.end_auth_comp_id 
_struct_sheet_range.end_auth_asym_id 
_struct_sheet_range.end_auth_seq_id 
AA1 1 GLN A 3  ? LYS A 8  ? GLN A 3  LYS A 8  
AA1 2 LYS A 34 ? CYS A 37 ? LYS A 34 CYS A 37 
AA1 3 GLY A 28 ? MET A 31 ? GLY A 28 MET A 31 
# 
loop_
_pdbx_struct_sheet_hbond.sheet_id 
_pdbx_struct_sheet_hbond.range_id_1 
_pdbx_struct_sheet_hbond.range_id_2 
_pdbx_struct_sheet_hbond.range_1_label_atom_id 
_pdbx_struct_sheet_hbond.range_1_label_comp_id 
_pdbx_struct_sheet_hbond.range_1_label_asym_id 
_pdbx_struct_sheet_hbond.range_1_label_seq_id 
_pdbx_struct_sheet_hbond.range_1_PDB_ins_code 
_pdbx_struct_sheet_hbond.range_1_auth_atom_id 
_pdbx_struct_sheet_hbond.range_1_auth_comp_id 
_pdbx_struct_sheet_hbond.range_1_auth_asym_id 
_pdbx_struct_sheet_hbond.range_1_auth_seq_id 
_pdbx_struct_sheet_hbond.range_2_label_atom_id 
_pdbx_struct_sheet_hbond.range_2_label_comp_id 
_pdbx_struct_sheet_hbond.range_2_label_asym_id 
_pdbx_struct_sheet_hbond.range_2_label_seq_id 
_pdbx_struct_sheet_hbond.range_2_PDB_ins_code 
_pdbx_struct_sheet_hbond.range_2_auth_atom_id 
_pdbx_struct_sheet_hbond.range_2_auth_comp_id 
_pdbx_struct_sheet_hbond.range_2_auth_asym_id 
_pdbx_struct_sheet_hbond.range_2_auth_seq_id 
AA1 1 2 N GLN A 3  ? N GLN A 3  O CYS A 37 ? O CYS A 37 
AA1 2 3 O LYS A 34 ? O LYS A 34 N MET A 31 ? N MET A 31 
# 
_pdbx_entry_details.entry_id                   6AVC 
_pdbx_entry_details.compound_details           ? 
_pdbx_entry_details.source_details             ? 
_pdbx_entry_details.nonpolymer_details         ? 
_pdbx_entry_details.sequence_details           ? 
_pdbx_entry_details.has_ligand_of_interest     ? 
_pdbx_entry_details.has_protein_modification   Y 
# 
_pdbx_refine_tls.pdbx_refine_id   'X-RAY DIFFRACTION' 
_pdbx_refine_tls.id               1 
_pdbx_refine_tls.details          ? 
_pdbx_refine_tls.method           refined 
_pdbx_refine_tls.origin_x         0.1540 
_pdbx_refine_tls.origin_y         -0.0900 
_pdbx_refine_tls.origin_z         -0.1196 
_pdbx_refine_tls.T[1][1]          0.0182 
_pdbx_refine_tls.T[2][2]          0.0315 
_pdbx_refine_tls.T[3][3]          0.0375 
_pdbx_refine_tls.T[1][2]          0.0154 
_pdbx_refine_tls.T[1][3]          -0.0043 
_pdbx_refine_tls.T[2][3]          -0.0029 
_pdbx_refine_tls.L[1][1]          4.1610 
_pdbx_refine_tls.L[2][2]          3.0658 
_pdbx_refine_tls.L[3][3]          4.2725 
_pdbx_refine_tls.L[1][2]          2.1608 
_pdbx_refine_tls.L[1][3]          1.6328 
_pdbx_refine_tls.L[2][3]          1.9753 
_pdbx_refine_tls.S[1][1]          -0.0596 
_pdbx_refine_tls.S[1][2]          -0.0451 
_pdbx_refine_tls.S[1][3]          0.2102 
_pdbx_refine_tls.S[2][1]          -0.1594 
_pdbx_refine_tls.S[2][2]          -0.0325 
_pdbx_refine_tls.S[2][3]          0.2258 
_pdbx_refine_tls.S[3][1]          -0.1795 
_pdbx_refine_tls.S[3][2]          -0.1060 
_pdbx_refine_tls.S[3][3]          0.0921 
# 
_pdbx_refine_tls_group.pdbx_refine_id      'X-RAY DIFFRACTION' 
_pdbx_refine_tls_group.id                  1 
_pdbx_refine_tls_group.refine_tls_id       1 
_pdbx_refine_tls_group.beg_auth_asym_id    A 
_pdbx_refine_tls_group.beg_auth_seq_id     2 
_pdbx_refine_tls_group.beg_label_asym_id   ? 
_pdbx_refine_tls_group.beg_label_seq_id    ? 
_pdbx_refine_tls_group.end_auth_asym_id    A 
_pdbx_refine_tls_group.end_auth_seq_id     38 
_pdbx_refine_tls_group.end_label_asym_id   ? 
_pdbx_refine_tls_group.end_label_seq_id    ? 
_pdbx_refine_tls_group.selection           ? 
_pdbx_refine_tls_group.selection_details   ? 
# 
loop_
_pdbx_unobs_or_zero_occ_residues.id 
_pdbx_unobs_or_zero_occ_residues.PDB_model_num 
_pdbx_unobs_or_zero_occ_residues.polymer_flag 
_pdbx_unobs_or_zero_occ_residues.occupancy_flag 
_pdbx_unobs_or_zero_occ_residues.auth_asym_id 
_pdbx_unobs_or_zero_occ_residues.auth_comp_id 
_pdbx_unobs_or_zero_occ_residues.auth_seq_id 
_pdbx_unobs_or_zero_occ_residues.PDB_ins_code 
_pdbx_unobs_or_zero_occ_residues.label_asym_id 
_pdbx_unobs_or_zero_occ_residues.label_comp_id 
_pdbx_unobs_or_zero_occ_residues.label_seq_id 
1 1 Y 1 A GLY 1  ? A GLY 1  
2 1 Y 1 A SER 39 ? A SER 39 
# 
loop_
_chem_comp_atom.comp_id 
_chem_comp_atom.atom_id 
_chem_comp_atom.type_symbol 
_chem_comp_atom.pdbx_aromatic_flag 
_chem_comp_atom.pdbx_stereo_config 
_chem_comp_atom.pdbx_ordinal 
ARG N    N N N 1   
ARG CA   C N S 2   
ARG C    C N N 3   
ARG O    O N N 4   
ARG CB   C N N 5   
ARG CG   C N N 6   
ARG CD   C N N 7   
ARG NE   N N N 8   
ARG CZ   C N N 9   
ARG NH1  N N N 10  
ARG NH2  N N N 11  
ARG OXT  O N N 12  
ARG H    H N N 13  
ARG H2   H N N 14  
ARG HA   H N N 15  
ARG HB2  H N N 16  
ARG HB3  H N N 17  
ARG HG2  H N N 18  
ARG HG3  H N N 19  
ARG HD2  H N N 20  
ARG HD3  H N N 21  
ARG HE   H N N 22  
ARG HH11 H N N 23  
ARG HH12 H N N 24  
ARG HH21 H N N 25  
ARG HH22 H N N 26  
ARG HXT  H N N 27  
ASN N    N N N 28  
ASN CA   C N S 29  
ASN C    C N N 30  
ASN O    O N N 31  
ASN CB   C N N 32  
ASN CG   C N N 33  
ASN OD1  O N N 34  
ASN ND2  N N N 35  
ASN OXT  O N N 36  
ASN H    H N N 37  
ASN H2   H N N 38  
ASN HA   H N N 39  
ASN HB2  H N N 40  
ASN HB3  H N N 41  
ASN HD21 H N N 42  
ASN HD22 H N N 43  
ASN HXT  H N N 44  
ASP N    N N N 45  
ASP CA   C N S 46  
ASP C    C N N 47  
ASP O    O N N 48  
ASP CB   C N N 49  
ASP CG   C N N 50  
ASP OD1  O N N 51  
ASP OD2  O N N 52  
ASP OXT  O N N 53  
ASP H    H N N 54  
ASP H2   H N N 55  
ASP HA   H N N 56  
ASP HB2  H N N 57  
ASP HB3  H N N 58  
ASP HD2  H N N 59  
ASP HXT  H N N 60  
CYS N    N N N 61  
CYS CA   C N R 62  
CYS C    C N N 63  
CYS O    O N N 64  
CYS CB   C N N 65  
CYS SG   S N N 66  
CYS OXT  O N N 67  
CYS H    H N N 68  
CYS H2   H N N 69  
CYS HA   H N N 70  
CYS HB2  H N N 71  
CYS HB3  H N N 72  
CYS HG   H N N 73  
CYS HXT  H N N 74  
GLN N    N N N 75  
GLN CA   C N S 76  
GLN C    C N N 77  
GLN O    O N N 78  
GLN CB   C N N 79  
GLN CG   C N N 80  
GLN CD   C N N 81  
GLN OE1  O N N 82  
GLN NE2  N N N 83  
GLN OXT  O N N 84  
GLN H    H N N 85  
GLN H2   H N N 86  
GLN HA   H N N 87  
GLN HB2  H N N 88  
GLN HB3  H N N 89  
GLN HG2  H N N 90  
GLN HG3  H N N 91  
GLN HE21 H N N 92  
GLN HE22 H N N 93  
GLN HXT  H N N 94  
GLY N    N N N 95  
GLY CA   C N N 96  
GLY C    C N N 97  
GLY O    O N N 98  
GLY OXT  O N N 99  
GLY H    H N N 100 
GLY H2   H N N 101 
GLY HA2  H N N 102 
GLY HA3  H N N 103 
GLY HXT  H N N 104 
HOH O    O N N 105 
HOH H1   H N N 106 
HOH H2   H N N 107 
LYS N    N N N 108 
LYS CA   C N S 109 
LYS C    C N N 110 
LYS O    O N N 111 
LYS CB   C N N 112 
LYS CG   C N N 113 
LYS CD   C N N 114 
LYS CE   C N N 115 
LYS NZ   N N N 116 
LYS OXT  O N N 117 
LYS H    H N N 118 
LYS H2   H N N 119 
LYS HA   H N N 120 
LYS HB2  H N N 121 
LYS HB3  H N N 122 
LYS HG2  H N N 123 
LYS HG3  H N N 124 
LYS HD2  H N N 125 
LYS HD3  H N N 126 
LYS HE2  H N N 127 
LYS HE3  H N N 128 
LYS HZ1  H N N 129 
LYS HZ2  H N N 130 
LYS HZ3  H N N 131 
LYS HXT  H N N 132 
MET N    N N N 133 
MET CA   C N S 134 
MET C    C N N 135 
MET O    O N N 136 
MET CB   C N N 137 
MET CG   C N N 138 
MET SD   S N N 139 
MET CE   C N N 140 
MET OXT  O N N 141 
MET H    H N N 142 
MET H2   H N N 143 
MET HA   H N N 144 
MET HB2  H N N 145 
MET HB3  H N N 146 
MET HG2  H N N 147 
MET HG3  H N N 148 
MET HE1  H N N 149 
MET HE2  H N N 150 
MET HE3  H N N 151 
MET HXT  H N N 152 
PHE N    N N N 153 
PHE CA   C N S 154 
PHE C    C N N 155 
PHE O    O N N 156 
PHE CB   C N N 157 
PHE CG   C Y N 158 
PHE CD1  C Y N 159 
PHE CD2  C Y N 160 
PHE CE1  C Y N 161 
PHE CE2  C Y N 162 
PHE CZ   C Y N 163 
PHE OXT  O N N 164 
PHE H    H N N 165 
PHE H2   H N N 166 
PHE HA   H N N 167 
PHE HB2  H N N 168 
PHE HB3  H N N 169 
PHE HD1  H N N 170 
PHE HD2  H N N 171 
PHE HE1  H N N 172 
PHE HE2  H N N 173 
PHE HZ   H N N 174 
PHE HXT  H N N 175 
PRO N    N N N 176 
PRO CA   C N S 177 
PRO C    C N N 178 
PRO O    O N N 179 
PRO CB   C N N 180 
PRO CG   C N N 181 
PRO CD   C N N 182 
PRO OXT  O N N 183 
PRO H    H N N 184 
PRO HA   H N N 185 
PRO HB2  H N N 186 
PRO HB3  H N N 187 
PRO HG2  H N N 188 
PRO HG3  H N N 189 
PRO HD2  H N N 190 
PRO HD3  H N N 191 
PRO HXT  H N N 192 
SER N    N N N 193 
SER CA   C N S 194 
SER C    C N N 195 
SER O    O N N 196 
SER CB   C N N 197 
SER OG   O N N 198 
SER OXT  O N N 199 
SER H    H N N 200 
SER H2   H N N 201 
SER HA   H N N 202 
SER HB2  H N N 203 
SER HB3  H N N 204 
SER HG   H N N 205 
SER HXT  H N N 206 
THR N    N N N 207 
THR CA   C N S 208 
THR C    C N N 209 
THR O    O N N 210 
THR CB   C N R 211 
THR OG1  O N N 212 
THR CG2  C N N 213 
THR OXT  O N N 214 
THR H    H N N 215 
THR H2   H N N 216 
THR HA   H N N 217 
THR HB   H N N 218 
THR HG1  H N N 219 
THR HG21 H N N 220 
THR HG22 H N N 221 
THR HG23 H N N 222 
THR HXT  H N N 223 
TRP N    N N N 224 
TRP CA   C N S 225 
TRP C    C N N 226 
TRP O    O N N 227 
TRP CB   C N N 228 
TRP CG   C Y N 229 
TRP CD1  C Y N 230 
TRP CD2  C Y N 231 
TRP NE1  N Y N 232 
TRP CE2  C Y N 233 
TRP CE3  C Y N 234 
TRP CZ2  C Y N 235 
TRP CZ3  C Y N 236 
TRP CH2  C Y N 237 
TRP OXT  O N N 238 
TRP H    H N N 239 
TRP H2   H N N 240 
TRP HA   H N N 241 
TRP HB2  H N N 242 
TRP HB3  H N N 243 
TRP HD1  H N N 244 
TRP HE1  H N N 245 
TRP HE3  H N N 246 
TRP HZ2  H N N 247 
TRP HZ3  H N N 248 
TRP HH2  H N N 249 
TRP HXT  H N N 250 
TYR N    N N N 251 
TYR CA   C N S 252 
TYR C    C N N 253 
TYR O    O N N 254 
TYR CB   C N N 255 
TYR CG   C Y N 256 
TYR CD1  C Y N 257 
TYR CD2  C Y N 258 
TYR CE1  C Y N 259 
TYR CE2  C Y N 260 
TYR CZ   C Y N 261 
TYR OH   O N N 262 
TYR OXT  O N N 263 
TYR H    H N N 264 
TYR H2   H N N 265 
TYR HA   H N N 266 
TYR HB2  H N N 267 
TYR HB3  H N N 268 
TYR HD1  H N N 269 
TYR HD2  H N N 270 
TYR HE1  H N N 271 
TYR HE2  H N N 272 
TYR HH   H N N 273 
TYR HXT  H N N 274 
VAL N    N N N 275 
VAL CA   C N S 276 
VAL C    C N N 277 
VAL O    O N N 278 
VAL CB   C N N 279 
VAL CG1  C N N 280 
VAL CG2  C N N 281 
VAL OXT  O N N 282 
VAL H    H N N 283 
VAL H2   H N N 284 
VAL HA   H N N 285 
VAL HB   H N N 286 
VAL HG11 H N N 287 
VAL HG12 H N N 288 
VAL HG13 H N N 289 
VAL HG21 H N N 290 
VAL HG22 H N N 291 
VAL HG23 H N N 292 
VAL HXT  H N N 293 
# 
loop_
_chem_comp_bond.comp_id 
_chem_comp_bond.atom_id_1 
_chem_comp_bond.atom_id_2 
_chem_comp_bond.value_order 
_chem_comp_bond.pdbx_aromatic_flag 
_chem_comp_bond.pdbx_stereo_config 
_chem_comp_bond.pdbx_ordinal 
ARG N   CA   sing N N 1   
ARG N   H    sing N N 2   
ARG N   H2   sing N N 3   
ARG CA  C    sing N N 4   
ARG CA  CB   sing N N 5   
ARG CA  HA   sing N N 6   
ARG C   O    doub N N 7   
ARG C   OXT  sing N N 8   
ARG CB  CG   sing N N 9   
ARG CB  HB2  sing N N 10  
ARG CB  HB3  sing N N 11  
ARG CG  CD   sing N N 12  
ARG CG  HG2  sing N N 13  
ARG CG  HG3  sing N N 14  
ARG CD  NE   sing N N 15  
ARG CD  HD2  sing N N 16  
ARG CD  HD3  sing N N 17  
ARG NE  CZ   sing N N 18  
ARG NE  HE   sing N N 19  
ARG CZ  NH1  sing N N 20  
ARG CZ  NH2  doub N N 21  
ARG NH1 HH11 sing N N 22  
ARG NH1 HH12 sing N N 23  
ARG NH2 HH21 sing N N 24  
ARG NH2 HH22 sing N N 25  
ARG OXT HXT  sing N N 26  
ASN N   CA   sing N N 27  
ASN N   H    sing N N 28  
ASN N   H2   sing N N 29  
ASN CA  C    sing N N 30  
ASN CA  CB   sing N N 31  
ASN CA  HA   sing N N 32  
ASN C   O    doub N N 33  
ASN C   OXT  sing N N 34  
ASN CB  CG   sing N N 35  
ASN CB  HB2  sing N N 36  
ASN CB  HB3  sing N N 37  
ASN CG  OD1  doub N N 38  
ASN CG  ND2  sing N N 39  
ASN ND2 HD21 sing N N 40  
ASN ND2 HD22 sing N N 41  
ASN OXT HXT  sing N N 42  
ASP N   CA   sing N N 43  
ASP N   H    sing N N 44  
ASP N   H2   sing N N 45  
ASP CA  C    sing N N 46  
ASP CA  CB   sing N N 47  
ASP CA  HA   sing N N 48  
ASP C   O    doub N N 49  
ASP C   OXT  sing N N 50  
ASP CB  CG   sing N N 51  
ASP CB  HB2  sing N N 52  
ASP CB  HB3  sing N N 53  
ASP CG  OD1  doub N N 54  
ASP CG  OD2  sing N N 55  
ASP OD2 HD2  sing N N 56  
ASP OXT HXT  sing N N 57  
CYS N   CA   sing N N 58  
CYS N   H    sing N N 59  
CYS N   H2   sing N N 60  
CYS CA  C    sing N N 61  
CYS CA  CB   sing N N 62  
CYS CA  HA   sing N N 63  
CYS C   O    doub N N 64  
CYS C   OXT  sing N N 65  
CYS CB  SG   sing N N 66  
CYS CB  HB2  sing N N 67  
CYS CB  HB3  sing N N 68  
CYS SG  HG   sing N N 69  
CYS OXT HXT  sing N N 70  
GLN N   CA   sing N N 71  
GLN N   H    sing N N 72  
GLN N   H2   sing N N 73  
GLN CA  C    sing N N 74  
GLN CA  CB   sing N N 75  
GLN CA  HA   sing N N 76  
GLN C   O    doub N N 77  
GLN C   OXT  sing N N 78  
GLN CB  CG   sing N N 79  
GLN CB  HB2  sing N N 80  
GLN CB  HB3  sing N N 81  
GLN CG  CD   sing N N 82  
GLN CG  HG2  sing N N 83  
GLN CG  HG3  sing N N 84  
GLN CD  OE1  doub N N 85  
GLN CD  NE2  sing N N 86  
GLN NE2 HE21 sing N N 87  
GLN NE2 HE22 sing N N 88  
GLN OXT HXT  sing N N 89  
GLY N   CA   sing N N 90  
GLY N   H    sing N N 91  
GLY N   H2   sing N N 92  
GLY CA  C    sing N N 93  
GLY CA  HA2  sing N N 94  
GLY CA  HA3  sing N N 95  
GLY C   O    doub N N 96  
GLY C   OXT  sing N N 97  
GLY OXT HXT  sing N N 98  
HOH O   H1   sing N N 99  
HOH O   H2   sing N N 100 
LYS N   CA   sing N N 101 
LYS N   H    sing N N 102 
LYS N   H2   sing N N 103 
LYS CA  C    sing N N 104 
LYS CA  CB   sing N N 105 
LYS CA  HA   sing N N 106 
LYS C   O    doub N N 107 
LYS C   OXT  sing N N 108 
LYS CB  CG   sing N N 109 
LYS CB  HB2  sing N N 110 
LYS CB  HB3  sing N N 111 
LYS CG  CD   sing N N 112 
LYS CG  HG2  sing N N 113 
LYS CG  HG3  sing N N 114 
LYS CD  CE   sing N N 115 
LYS CD  HD2  sing N N 116 
LYS CD  HD3  sing N N 117 
LYS CE  NZ   sing N N 118 
LYS CE  HE2  sing N N 119 
LYS CE  HE3  sing N N 120 
LYS NZ  HZ1  sing N N 121 
LYS NZ  HZ2  sing N N 122 
LYS NZ  HZ3  sing N N 123 
LYS OXT HXT  sing N N 124 
MET N   CA   sing N N 125 
MET N   H    sing N N 126 
MET N   H2   sing N N 127 
MET CA  C    sing N N 128 
MET CA  CB   sing N N 129 
MET CA  HA   sing N N 130 
MET C   O    doub N N 131 
MET C   OXT  sing N N 132 
MET CB  CG   sing N N 133 
MET CB  HB2  sing N N 134 
MET CB  HB3  sing N N 135 
MET CG  SD   sing N N 136 
MET CG  HG2  sing N N 137 
MET CG  HG3  sing N N 138 
MET SD  CE   sing N N 139 
MET CE  HE1  sing N N 140 
MET CE  HE2  sing N N 141 
MET CE  HE3  sing N N 142 
MET OXT HXT  sing N N 143 
PHE N   CA   sing N N 144 
PHE N   H    sing N N 145 
PHE N   H2   sing N N 146 
PHE CA  C    sing N N 147 
PHE CA  CB   sing N N 148 
PHE CA  HA   sing N N 149 
PHE C   O    doub N N 150 
PHE C   OXT  sing N N 151 
PHE CB  CG   sing N N 152 
PHE CB  HB2  sing N N 153 
PHE CB  HB3  sing N N 154 
PHE CG  CD1  doub Y N 155 
PHE CG  CD2  sing Y N 156 
PHE CD1 CE1  sing Y N 157 
PHE CD1 HD1  sing N N 158 
PHE CD2 CE2  doub Y N 159 
PHE CD2 HD2  sing N N 160 
PHE CE1 CZ   doub Y N 161 
PHE CE1 HE1  sing N N 162 
PHE CE2 CZ   sing Y N 163 
PHE CE2 HE2  sing N N 164 
PHE CZ  HZ   sing N N 165 
PHE OXT HXT  sing N N 166 
PRO N   CA   sing N N 167 
PRO N   CD   sing N N 168 
PRO N   H    sing N N 169 
PRO CA  C    sing N N 170 
PRO CA  CB   sing N N 171 
PRO CA  HA   sing N N 172 
PRO C   O    doub N N 173 
PRO C   OXT  sing N N 174 
PRO CB  CG   sing N N 175 
PRO CB  HB2  sing N N 176 
PRO CB  HB3  sing N N 177 
PRO CG  CD   sing N N 178 
PRO CG  HG2  sing N N 179 
PRO CG  HG3  sing N N 180 
PRO CD  HD2  sing N N 181 
PRO CD  HD3  sing N N 182 
PRO OXT HXT  sing N N 183 
SER N   CA   sing N N 184 
SER N   H    sing N N 185 
SER N   H2   sing N N 186 
SER CA  C    sing N N 187 
SER CA  CB   sing N N 188 
SER CA  HA   sing N N 189 
SER C   O    doub N N 190 
SER C   OXT  sing N N 191 
SER CB  OG   sing N N 192 
SER CB  HB2  sing N N 193 
SER CB  HB3  sing N N 194 
SER OG  HG   sing N N 195 
SER OXT HXT  sing N N 196 
THR N   CA   sing N N 197 
THR N   H    sing N N 198 
THR N   H2   sing N N 199 
THR CA  C    sing N N 200 
THR CA  CB   sing N N 201 
THR CA  HA   sing N N 202 
THR C   O    doub N N 203 
THR C   OXT  sing N N 204 
THR CB  OG1  sing N N 205 
THR CB  CG2  sing N N 206 
THR CB  HB   sing N N 207 
THR OG1 HG1  sing N N 208 
THR CG2 HG21 sing N N 209 
THR CG2 HG22 sing N N 210 
THR CG2 HG23 sing N N 211 
THR OXT HXT  sing N N 212 
TRP N   CA   sing N N 213 
TRP N   H    sing N N 214 
TRP N   H2   sing N N 215 
TRP CA  C    sing N N 216 
TRP CA  CB   sing N N 217 
TRP CA  HA   sing N N 218 
TRP C   O    doub N N 219 
TRP C   OXT  sing N N 220 
TRP CB  CG   sing N N 221 
TRP CB  HB2  sing N N 222 
TRP CB  HB3  sing N N 223 
TRP CG  CD1  doub Y N 224 
TRP CG  CD2  sing Y N 225 
TRP CD1 NE1  sing Y N 226 
TRP CD1 HD1  sing N N 227 
TRP CD2 CE2  doub Y N 228 
TRP CD2 CE3  sing Y N 229 
TRP NE1 CE2  sing Y N 230 
TRP NE1 HE1  sing N N 231 
TRP CE2 CZ2  sing Y N 232 
TRP CE3 CZ3  doub Y N 233 
TRP CE3 HE3  sing N N 234 
TRP CZ2 CH2  doub Y N 235 
TRP CZ2 HZ2  sing N N 236 
TRP CZ3 CH2  sing Y N 237 
TRP CZ3 HZ3  sing N N 238 
TRP CH2 HH2  sing N N 239 
TRP OXT HXT  sing N N 240 
TYR N   CA   sing N N 241 
TYR N   H    sing N N 242 
TYR N   H2   sing N N 243 
TYR CA  C    sing N N 244 
TYR CA  CB   sing N N 245 
TYR CA  HA   sing N N 246 
TYR C   O    doub N N 247 
TYR C   OXT  sing N N 248 
TYR CB  CG   sing N N 249 
TYR CB  HB2  sing N N 250 
TYR CB  HB3  sing N N 251 
TYR CG  CD1  doub Y N 252 
TYR CG  CD2  sing Y N 253 
TYR CD1 CE1  sing Y N 254 
TYR CD1 HD1  sing N N 255 
TYR CD2 CE2  doub Y N 256 
TYR CD2 HD2  sing N N 257 
TYR CE1 CZ   doub Y N 258 
TYR CE1 HE1  sing N N 259 
TYR CE2 CZ   sing Y N 260 
TYR CE2 HE2  sing N N 261 
TYR CZ  OH   sing N N 262 
TYR OH  HH   sing N N 263 
TYR OXT HXT  sing N N 264 
VAL N   CA   sing N N 265 
VAL N   H    sing N N 266 
VAL N   H2   sing N N 267 
VAL CA  C    sing N N 268 
VAL CA  CB   sing N N 269 
VAL CA  HA   sing N N 270 
VAL C   O    doub N N 271 
VAL C   OXT  sing N N 272 
VAL CB  CG1  sing N N 273 
VAL CB  CG2  sing N N 274 
VAL CB  HB   sing N N 275 
VAL CG1 HG11 sing N N 276 
VAL CG1 HG12 sing N N 277 
VAL CG1 HG13 sing N N 278 
VAL CG2 HG21 sing N N 279 
VAL CG2 HG22 sing N N 280 
VAL CG2 HG23 sing N N 281 
VAL OXT HXT  sing N N 282 
# 
_pdbx_initial_refinement_model.id               1 
_pdbx_initial_refinement_model.entity_id_list   ? 
_pdbx_initial_refinement_model.type             'experimental model' 
_pdbx_initial_refinement_model.source_name      PDB 
_pdbx_initial_refinement_model.accession_code   1C49 
_pdbx_initial_refinement_model.details          ? 
# 
_atom_sites.entry_id                    6AVC 
_atom_sites.fract_transf_matrix[1][1]   -0.02501728 
_atom_sites.fract_transf_matrix[1][2]   0.00394800 
_atom_sites.fract_transf_matrix[1][3]   0.00804145 
_atom_sites.fract_transf_matrix[2][1]   -0.00881158 
_atom_sites.fract_transf_matrix[2][2]   -0.01163827 
_atom_sites.fract_transf_matrix[2][3]   0.02220430 
_atom_sites.fract_transf_matrix[3][1]   0.00923974 
_atom_sites.fract_transf_matrix[3][2]   0.02470540 
_atom_sites.fract_transf_matrix[3][3]   0.01661591 
_atom_sites.fract_transf_vector[1]      0.144098 
_atom_sites.fract_transf_vector[2]      0.431519 
_atom_sites.fract_transf_vector[3]      0.072679 
# 
loop_
_atom_type.symbol 
C 
N 
O 
S 
# 
loop_
_atom_site.group_PDB 
_atom_site.id 
_atom_site.type_symbol 
_atom_site.label_atom_id 
_atom_site.label_alt_id 
_atom_site.label_comp_id 
_atom_site.label_asym_id 
_atom_site.label_entity_id 
_atom_site.label_seq_id 
_atom_site.pdbx_PDB_ins_code 
_atom_site.Cartn_x 
_atom_site.Cartn_y 
_atom_site.Cartn_z 
_atom_site.occupancy 
_atom_site.B_iso_or_equiv 
_atom_site.pdbx_formal_charge 
_atom_site.auth_seq_id 
_atom_site.auth_comp_id 
_atom_site.auth_asym_id 
_atom_site.auth_atom_id 
_atom_site.pdbx_PDB_model_num 
ATOM   1   N N   . SER A 1 2  ? -0.339  7.957   -7.405  1.00 43.16 ? 2   SER A N   1 
ATOM   2   C CA  . SER A 1 2  ? -0.489  7.172   -6.141  1.00 40.21 ? 2   SER A CA  1 
ATOM   3   C C   . SER A 1 2  ? -1.974  7.162   -5.711  1.00 36.76 ? 2   SER A C   1 
ATOM   4   O O   . SER A 1 2  ? -2.659  8.169   -5.853  1.00 38.90 ? 2   SER A O   1 
ATOM   5   C CB  . SER A 1 2  ? 0.410   7.796   -5.031  1.00 38.80 ? 2   SER A CB  1 
ATOM   6   N N   . GLN A 1 3  ? -2.451  6.045   -5.186  1.00 30.08 ? 3   GLN A N   1 
ATOM   7   C CA  . GLN A 1 3  ? -3.733  5.954   -4.449  1.00 32.10 ? 3   GLN A CA  1 
ATOM   8   C C   . GLN A 1 3  ? -3.483  5.908   -2.908  1.00 33.86 ? 3   GLN A C   1 
ATOM   9   O O   . GLN A 1 3  ? -2.591  5.187   -2.417  1.00 23.94 ? 3   GLN A O   1 
ATOM   10  C CB  . GLN A 1 3  ? -4.537  4.724   -4.930  1.00 30.78 ? 3   GLN A CB  1 
ATOM   11  N N   . PHE A 1 4  ? -4.252  6.709   -2.165  1.00 36.64 ? 4   PHE A N   1 
ATOM   12  C CA  . PHE A 1 4  ? -4.062  6.858   -0.729  1.00 39.81 ? 4   PHE A CA  1 
ATOM   13  C C   . PHE A 1 4  ? -4.709  5.693   -0.072  1.00 41.11 ? 4   PHE A C   1 
ATOM   14  O O   . PHE A 1 4  ? -5.762  5.162   -0.542  1.00 44.37 ? 4   PHE A O   1 
ATOM   15  C CB  . PHE A 1 4  ? -4.704  8.150   -0.187  1.00 47.31 ? 4   PHE A CB  1 
ATOM   16  N N   . THR A 1 5  ? -4.079  5.223   0.976   1.00 35.74 ? 5   THR A N   1 
ATOM   17  C CA  . THR A 1 5  ? -4.792  4.407   1.909   1.00 37.16 ? 5   THR A CA  1 
ATOM   18  C C   . THR A 1 5  ? -4.549  4.978   3.297   1.00 40.23 ? 5   THR A C   1 
ATOM   19  O O   . THR A 1 5  ? -3.590  5.780   3.534   1.00 41.90 ? 5   THR A O   1 
ATOM   20  C CB  . THR A 1 5  ? -4.347  2.940   1.879   1.00 31.51 ? 5   THR A CB  1 
ATOM   21  O OG1 . THR A 1 5  ? -3.163  2.820   2.651   1.00 26.49 ? 5   THR A OG1 1 
ATOM   22  C CG2 . THR A 1 5  ? -4.107  2.445   0.430   1.00 29.68 ? 5   THR A CG2 1 
ATOM   23  N N   . ASP A 1 6  ? -5.352  4.480   4.206   1.00 39.32 ? 6   ASP A N   1 
ATOM   24  C CA  . ASP A 1 6  ? -5.218  4.765   5.602   1.00 41.31 ? 6   ASP A CA  1 
ATOM   25  C C   . ASP A 1 6  ? -4.569  3.614   6.365   1.00 36.30 ? 6   ASP A C   1 
ATOM   26  O O   . ASP A 1 6  ? -4.613  3.582   7.589   1.00 39.51 ? 6   ASP A O   1 
ATOM   27  C CB  . ASP A 1 6  ? -6.608  5.066   6.177   1.00 47.76 ? 6   ASP A CB  1 
ATOM   28  C CG  . ASP A 1 6  ? -6.605  6.300   7.002   1.00 53.34 ? 6   ASP A CG  1 
ATOM   29  O OD1 . ASP A 1 6  ? -5.745  7.158   6.707   1.00 49.38 ? 6   ASP A OD1 1 
ATOM   30  O OD2 . ASP A 1 6  ? -7.418  6.417   7.946   1.00 63.70 ? 6   ASP A OD2 1 
ATOM   31  N N   . VAL A 1 7  ? -3.958  2.670   5.636   1.00 27.80 ? 7   VAL A N   1 
ATOM   32  C CA  . VAL A 1 7  ? -3.431  1.442   6.235   1.00 24.76 ? 7   VAL A CA  1 
ATOM   33  C C   . VAL A 1 7  ? -1.977  1.766   6.649   1.00 22.28 ? 7   VAL A C   1 
ATOM   34  O O   . VAL A 1 7  ? -1.142  2.145   5.807   1.00 23.28 ? 7   VAL A O   1 
ATOM   35  C CB  . VAL A 1 7  ? -3.470  0.266   5.197   1.00 24.31 ? 7   VAL A CB  1 
ATOM   36  C CG1 . VAL A 1 7  ? -2.834  -1.025  5.758   1.00 24.08 ? 7   VAL A CG1 1 
ATOM   37  C CG2 . VAL A 1 7  ? -4.905  0.001   4.744   1.00 25.09 ? 7   VAL A CG2 1 
ATOM   38  N N   . LYS A 1 8  ? -1.671  1.601   7.923   1.00 21.12 ? 8   LYS A N   1 
ATOM   39  C CA  . LYS A 1 8  ? -0.362  1.900   8.399   1.00 20.36 ? 8   LYS A CA  1 
ATOM   40  C C   . LYS A 1 8  ? 0.620   0.776   7.979   1.00 20.79 ? 8   LYS A C   1 
ATOM   41  O O   . LYS A 1 8  ? 0.207   -0.348  7.612   1.00 20.84 ? 8   LYS A O   1 
ATOM   42  C CB  . LYS A 1 8  ? -0.386  2.068   9.874   1.00 23.51 ? 8   LYS A CB  1 
ATOM   43  C CG  . LYS A 1 8  ? -1.235  3.248   10.312  1.00 23.99 ? 8   LYS A CG  1 
ATOM   44  C CD  . LYS A 1 8  ? -1.363  3.237   11.821  1.00 27.89 ? 8   LYS A CD  1 
ATOM   45  C CE  . LYS A 1 8  ? -2.214  4.415   12.345  1.00 31.69 ? 8   LYS A CE  1 
ATOM   46  N NZ  . LYS A 1 8  ? -3.691  4.115   12.391  1.00 33.04 ? 8   LYS A NZ  1 
ATOM   47  N N   . CYS A 1 9  ? 1.917   1.076   8.061   1.00 18.83 ? 9   CYS A N   1 
ATOM   48  C CA  . CYS A 1 9  ? 2.931   0.164   7.535   1.00 18.60 ? 9   CYS A CA  1 
ATOM   49  C C   . CYS A 1 9  ? 4.293   0.631   8.016   1.00 17.28 ? 9   CYS A C   1 
ATOM   50  O O   . CYS A 1 9  ? 4.445   1.800   8.420   1.00 16.03 ? 9   CYS A O   1 
ATOM   51  C CB  . CYS A 1 9  ? 2.903   0.111   5.983   1.00 17.73 ? 9   CYS A CB  1 
ATOM   52  S SG  . CYS A 1 9  ? 3.113   1.708   5.201   0.92 16.16 ? 9   CYS A SG  1 
ATOM   53  N N   . THR A 1 10 ? 5.240   -0.307  8.059   1.00 16.90 ? 10  THR A N   1 
ATOM   54  C CA  . THR A 1 10 ? 6.609   0.031   8.218   1.00 19.12 ? 10  THR A CA  1 
ATOM   55  C C   . THR A 1 10 ? 7.470   -0.348  6.995   1.00 20.47 ? 10  THR A C   1 
ATOM   56  O O   . THR A 1 10 ? 8.620   0.065   6.914   1.00 23.64 ? 10  THR A O   1 
ATOM   57  C CB  . THR A 1 10 ? 7.185   -0.612  9.552   1.00 22.62 ? 10  THR A CB  1 
ATOM   58  O OG1 . THR A 1 10 ? 6.925   -1.995  9.610   1.00 21.86 ? 10  THR A OG1 1 
ATOM   59  C CG2 . THR A 1 10 ? 6.578   0.045   10.779  1.00 24.48 ? 10  THR A CG2 1 
ATOM   60  N N   . GLY A 1 11 ? 6.992   -1.284  6.178   1.00 18.37 ? 11  GLY A N   1 
ATOM   61  C CA  . GLY A 1 11 ? 7.778   -1.768  5.054   1.00 19.85 ? 11  GLY A CA  1 
ATOM   62  C C   . GLY A 1 11 ? 6.902   -1.900  3.836   1.00 16.73 ? 11  GLY A C   1 
ATOM   63  O O   . GLY A 1 11 ? 5.736   -2.252  3.963   1.00 16.08 ? 11  GLY A O   1 
ATOM   64  N N   . SER A 1 12 ? 7.456   -1.656  2.668   1.00 14.64 ? 12  SER A N   1 
ATOM   65  C CA  . SER A 1 12 ? 6.669   -1.693  1.424   1.00 13.79 ? 12  SER A CA  1 
ATOM   66  C C   . SER A 1 12 ? 6.001   -3.022  1.083   1.00 14.89 ? 12  SER A C   1 
ATOM   67  O O   . SER A 1 12 ? 4.854   -3.035  0.558   1.00 14.56 ? 12  SER A O   1 
ATOM   68  C CB  . SER A 1 12 ? 7.466   -1.194  0.232   1.00 13.97 ? 12  SER A CB  1 
ATOM   69  O OG  . SER A 1 12 ? 7.690   0.224   0.365   1.00 14.63 ? 12  SER A OG  1 
ATOM   70  N N   . LYS A 1 13 ? 6.655   -4.137  1.352   1.00 15.82 ? 13  LYS A N   1 
ATOM   71  C CA  . LYS A 1 13 ? 6.031   -5.442  1.057   1.00 19.14 ? 13  LYS A CA  1 
ATOM   72  C C   . LYS A 1 13 ? 4.669   -5.657  1.750   1.00 16.16 ? 13  LYS A C   1 
ATOM   73  O O   . LYS A 1 13 ? 3.850   -6.490  1.312   1.00 15.91 ? 13  LYS A O   1 
ATOM   74  C CB  . LYS A 1 13 ? 6.974   -6.619  1.436   1.00 22.86 ? 13  LYS A CB  1 
ATOM   75  C CG  . LYS A 1 13 ? 7.960   -7.002  0.391   1.00 29.24 ? 13  LYS A CG  1 
ATOM   76  C CD  . LYS A 1 13 ? 8.729   -8.308  0.685   1.00 31.76 ? 13  LYS A CD  1 
ATOM   77  C CE  . LYS A 1 13 ? 9.922   -8.335  -0.286  1.00 39.30 ? 13  LYS A CE  1 
ATOM   78  N NZ  . LYS A 1 13 ? 10.449  -9.671  -0.730  1.00 45.44 ? 13  LYS A NZ  1 
ATOM   79  N N   . GLN A 1 14 ? 4.538   -5.097  2.955   1.00 16.89 ? 14  GLN A N   1 
ATOM   80  C CA  . GLN A 1 14 ? 3.255   -5.130  3.683   1.00 16.26 ? 14  GLN A CA  1 
ATOM   81  C C   . GLN A 1 14 ? 2.099   -4.617  2.883   1.00 15.25 ? 14  GLN A C   1 
ATOM   82  O O   . GLN A 1 14 ? 0.929   -5.037  3.081   1.00 16.11 ? 14  GLN A O   1 
ATOM   83  C CB  . GLN A 1 14 ? 3.322   -4.300  4.972   1.00 16.19 ? 14  GLN A CB  1 
ATOM   84  C CG  . GLN A 1 14 ? 4.317   -4.860  5.945   1.00 20.06 ? 14  GLN A CG  1 
ATOM   85  C CD  . GLN A 1 14 ? 4.363   -4.054  7.195   1.00 22.06 ? 14  GLN A CD  1 
ATOM   86  O OE1 . GLN A 1 14 ? 4.542   -2.846  7.139   1.00 18.23 ? 14  GLN A OE1 1 
ATOM   87  N NE2 . GLN A 1 14 ? 4.085   -4.707  8.327   1.00 20.99 ? 14  GLN A NE2 1 
ATOM   88  N N   . CYS A 1 15 ? 2.406   -3.653  2.040   1.00 15.07 ? 15  CYS A N   1 
ATOM   89  C CA  . CYS A 1 15 ? 1.441   -2.958  1.196   1.00 15.21 ? 15  CYS A CA  1 
ATOM   90  C C   . CYS A 1 15 ? 1.010   -3.736  -0.028  1.00 16.01 ? 15  CYS A C   1 
ATOM   91  O O   . CYS A 1 15 ? 0.049   -3.364  -0.673  1.00 15.72 ? 15  CYS A O   1 
ATOM   92  C CB  . CYS A 1 15 ? 2.000   -1.584  0.769   1.00 16.80 ? 15  CYS A CB  1 
ATOM   93  S SG  . CYS A 1 15 ? 2.349   -0.482  2.204   1.00 15.99 ? 15  CYS A SG  1 
ATOM   94  N N   . TRP A 1 16 ? 1.737   -4.797  -0.389  1.00 15.03 ? 16  TRP A N   1 
ATOM   95  C CA  . TRP A 1 16 ? 1.368   -5.523  -1.589  1.00 14.84 ? 16  TRP A CA  1 
ATOM   96  C C   . TRP A 1 16 ? -0.048  -6.220  -1.441  1.00 15.18 ? 16  TRP A C   1 
ATOM   97  O O   . TRP A 1 16 ? -0.926  -6.062  -2.307  1.00 14.91 ? 16  TRP A O   1 
ATOM   98  C CB  . TRP A 1 16 ? 2.451   -6.548  -1.953  1.00 15.52 ? 16  TRP A CB  1 
ATOM   99  C CG  . TRP A 1 16 ? 3.823   -5.941  -2.344  1.00 15.35 ? 16  TRP A CG  1 
ATOM   100 C CD1 . TRP A 1 16 ? 4.156   -4.617  -2.542  1.00 13.98 ? 16  TRP A CD1 1 
ATOM   101 C CD2 . TRP A 1 16 ? 5.016   -6.696  -2.547  1.00 16.71 ? 16  TRP A CD2 1 
ATOM   102 N NE1 . TRP A 1 16 ? 5.502   -4.504  -2.918  1.00 17.46 ? 16  TRP A NE1 1 
ATOM   103 C CE2 . TRP A 1 16 ? 6.067   -5.757  -2.880  1.00 17.37 ? 16  TRP A CE2 1 
ATOM   104 C CE3 . TRP A 1 16 ? 5.315   -8.062  -2.474  1.00 17.75 ? 16  TRP A CE3 1 
ATOM   105 C CZ2 . TRP A 1 16 ? 7.338   -6.165  -3.171  1.00 19.35 ? 16  TRP A CZ2 1 
ATOM   106 C CZ3 . TRP A 1 16 ? 6.618   -8.469  -2.742  1.00 19.83 ? 16  TRP A CZ3 1 
ATOM   107 C CH2 . TRP A 1 16 ? 7.616   -7.512  -3.060  1.00 20.55 ? 16  TRP A CH2 1 
ATOM   108 N N   . PRO A 1 17 ? -0.265  -6.978  -0.362  1.00 14.78 ? 17  PRO A N   1 
ATOM   109 C CA  . PRO A 1 17 ? -1.628  -7.525  -0.204  1.00 15.37 ? 17  PRO A CA  1 
ATOM   110 C C   . PRO A 1 17 ? -2.699  -6.461  -0.024  1.00 16.89 ? 17  PRO A C   1 
ATOM   111 O O   . PRO A 1 17 ? -3.829  -6.641  -0.453  1.00 18.61 ? 17  PRO A O   1 
ATOM   112 C CB  . PRO A 1 17 ? -1.521  -8.415  1.033   1.00 17.72 ? 17  PRO A CB  1 
ATOM   113 C CG  . PRO A 1 17 ? -0.192  -8.097  1.706   1.00 18.51 ? 17  PRO A CG  1 
ATOM   114 C CD  . PRO A 1 17 ? 0.684   -7.555  0.619   1.00 16.01 ? 17  PRO A CD  1 
ATOM   115 N N   . VAL A 1 18 ? -2.337  -5.347  0.584   1.00 16.22 ? 18  VAL A N   1 
ATOM   116 C CA  . VAL A 1 18 ? -3.284  -4.288  0.887   1.00 17.78 ? 18  VAL A CA  1 
ATOM   117 C C   . VAL A 1 18 ? -3.749  -3.683  -0.436  1.00 18.67 ? 18  VAL A C   1 
ATOM   118 O O   . VAL A 1 18 ? -4.938  -3.454  -0.646  1.00 18.86 ? 18  VAL A O   1 
ATOM   119 C CB  . VAL A 1 18 ? -2.614  -3.180  1.772   1.00 16.96 ? 18  VAL A CB  1 
ATOM   120 C CG1 . VAL A 1 18 ? -3.460  -1.901  1.799   1.00 18.16 ? 18  VAL A CG1 1 
ATOM   121 C CG2 . VAL A 1 18 ? -2.259  -3.691  3.182   1.00 17.90 ? 18  VAL A CG2 1 
ATOM   122 N N   . CYS A 1 19 ? -2.775  -3.326  -1.263  1.00 15.96 ? 19  CYS A N   1 
ATOM   123 C CA  . CYS A 1 19 ? -3.044  -2.714  -2.548  1.00 16.36 ? 19  CYS A CA  1 
ATOM   124 C C   . CYS A 1 19 ? -3.750  -3.692  -3.495  1.00 15.75 ? 19  CYS A C   1 
ATOM   125 O O   . CYS A 1 19 ? -4.607  -3.296  -4.280  1.00 16.11 ? 19  CYS A O   1 
ATOM   126 C CB  . CYS A 1 19 ? -1.746  -2.202  -3.165  1.00 16.01 ? 19  CYS A CB  1 
ATOM   127 S SG  . CYS A 1 19 ? -1.031  -0.828  -2.221  1.00 16.88 ? 19  CYS A SG  1 
ATOM   128 N N   . LYS A 1 20 ? -3.394  -4.969  -3.413  1.00 14.85 ? 20  LYS A N   1 
ATOM   129 C CA  . LYS A 1 20 ? -4.088  -5.979  -4.165  1.00 16.90 ? 20  LYS A CA  1 
ATOM   130 C C   . LYS A 1 20 ? -5.577  -6.025  -3.801  1.00 18.08 ? 20  LYS A C   1 
ATOM   131 O O   . LYS A 1 20 ? -6.434  -6.051  -4.691  1.00 15.83 ? 20  LYS A O   1 
ATOM   132 C CB  . LYS A 1 20 ? -3.455  -7.357  -3.961  1.00 18.26 ? 20  LYS A CB  1 
ATOM   133 C CG  . LYS A 1 20 ? -4.126  -8.488  -4.786  1.00 19.99 ? 20  LYS A CG  1 
ATOM   134 C CD  . LYS A 1 20 ? -4.308  -8.225  -6.297  1.00 21.62 ? 20  LYS A CD  1 
ATOM   135 C CE  . LYS A 1 20 ? -5.041  -9.419  -6.964  1.00 24.17 ? 20  LYS A CE  1 
ATOM   136 N NZ  . LYS A 1 20 ? -5.068  -9.271  -8.436  1.00 27.22 ? 20  LYS A NZ  1 
ATOM   137 N N   . GLN A 1 21 ? -5.899  -6.044  -2.509  1.00 18.06 ? 21  GLN A N   1 
ATOM   138 C CA  . GLN A 1 21 ? -7.310  -6.007  -2.082  1.00 18.99 ? 21  GLN A CA  1 
ATOM   139 C C   . GLN A 1 21 ? -8.039  -4.714  -2.466  1.00 19.29 ? 21  GLN A C   1 
ATOM   140 O O   . GLN A 1 21 ? -9.195  -4.721  -2.862  1.00 19.64 ? 21  GLN A O   1 
ATOM   141 C CB  . GLN A 1 21 ? -7.355  -6.165  -0.553  1.00 20.55 ? 21  GLN A CB  1 
ATOM   142 C CG  . GLN A 1 21 ? -7.031  -7.543  -0.090  1.00 21.90 ? 21  GLN A CG  1 
ATOM   143 C CD  . GLN A 1 21 ? -7.266  -7.735  1.404   1.00 24.32 ? 21  GLN A CD  1 
ATOM   144 O OE1 . GLN A 1 21 ? -7.302  -6.788  2.163   1.00 26.71 ? 21  GLN A OE1 1 
ATOM   145 N NE2 . GLN A 1 21 ? -7.456  -8.979  1.818   1.00 24.24 ? 21  GLN A NE2 1 
ATOM   146 N N   . MET A 1 22 ? -7.380  -3.583  -2.236  1.00 18.81 ? 22  MET A N   1 
ATOM   147 C CA  . MET A 1 22 ? -8.014  -2.295  -2.383  1.00 20.80 ? 22  MET A CA  1 
ATOM   148 C C   . MET A 1 22 ? -8.148  -1.847  -3.824  1.00 20.88 ? 22  MET A C   1 
ATOM   149 O O   . MET A 1 22 ? -9.142  -1.201  -4.175  1.00 22.37 ? 22  MET A O   1 
ATOM   150 C CB  . MET A 1 22 ? -7.297  -1.237  -1.532  1.00 21.42 ? 22  MET A CB  1 
ATOM   151 C CG  . MET A 1 22 ? -7.504  -1.525  -0.071  1.00 22.85 ? 22  MET A CG  1 
ATOM   152 S SD  . MET A 1 22 ? -6.803  -0.281  1.011   1.00 24.11 ? 22  MET A SD  1 
ATOM   153 C CE  . MET A 1 22 ? -7.891  1.157   0.678   1.00 28.10 ? 22  MET A CE  1 
ATOM   154 N N   . PHE A 1 23 ? -7.153  -2.170  -4.638  1.00 20.29 ? 23  PHE A N   1 
ATOM   155 C CA  . PHE A 1 23 ? -7.072  -1.649  -5.997  1.00 21.96 ? 23  PHE A CA  1 
ATOM   156 C C   . PHE A 1 23 ? -6.826  -2.687  -7.097  1.00 22.16 ? 23  PHE A C   1 
ATOM   157 O O   . PHE A 1 23 ? -6.789  -2.306  -8.247  1.00 24.94 ? 23  PHE A O   1 
ATOM   158 C CB  . PHE A 1 23 ? -6.002  -0.499  -6.054  1.00 22.04 ? 23  PHE A CB  1 
ATOM   159 C CG  . PHE A 1 23 ? -6.348  0.690   -5.179  1.00 21.30 ? 23  PHE A CG  1 
ATOM   160 C CD1 . PHE A 1 23 ? -7.318  1.607   -5.591  1.00 24.08 ? 23  PHE A CD1 1 
ATOM   161 C CD2 . PHE A 1 23 ? -5.828  0.822   -3.937  1.00 20.14 ? 23  PHE A CD2 1 
ATOM   162 C CE1 . PHE A 1 23 ? -7.653  2.685   -4.786  1.00 25.33 ? 23  PHE A CE1 1 
ATOM   163 C CE2 . PHE A 1 23 ? -6.108  1.916   -3.155  1.00 20.93 ? 23  PHE A CE2 1 
ATOM   164 C CZ  . PHE A 1 23 ? -7.052  2.820   -3.554  1.00 24.16 ? 23  PHE A CZ  1 
ATOM   165 N N   . GLY A 1 24 ? -6.677  -3.975  -6.773  1.00 20.66 ? 24  GLY A N   1 
ATOM   166 C CA  . GLY A 1 24 ? -6.631  -4.995  -7.799  1.00 22.87 ? 24  GLY A CA  1 
ATOM   167 C C   . GLY A 1 24 ? -5.230  -5.389  -8.291  1.00 21.72 ? 24  GLY A C   1 
ATOM   168 O O   . GLY A 1 24 ? -5.111  -6.387  -8.979  1.00 22.11 ? 24  GLY A O   1 
ATOM   169 N N   . LYS A 1 25 ? -4.180  -4.709  -7.800  1.00 22.94 ? 25  LYS A N   1 
ATOM   170 C CA  . LYS A 1 25 ? -2.778  -5.039  -8.117  1.00 22.53 ? 25  LYS A CA  1 
ATOM   171 C C   . LYS A 1 25 ? -1.930  -4.833  -6.858  1.00 20.03 ? 25  LYS A C   1 
ATOM   172 O O   . LYS A 1 25 ? -2.141  -3.868  -6.170  1.00 17.77 ? 25  LYS A O   1 
ATOM   173 C CB  . LYS A 1 25 ? -2.229  -4.136  -9.211  1.00 26.17 ? 25  LYS A CB  1 
ATOM   174 C CG  . LYS A 1 25 ? -2.811  -4.405  -10.578 1.00 33.03 ? 25  LYS A CG  1 
ATOM   175 C CD  . LYS A 1 25 ? -2.133  -3.562  -11.671 1.00 39.46 ? 25  LYS A CD  1 
ATOM   176 C CE  . LYS A 1 25 ? -2.224  -2.050  -11.392 1.00 46.16 ? 25  LYS A CE  1 
ATOM   177 N NZ  . LYS A 1 25 ? -1.929  -1.177  -12.597 1.00 51.78 ? 25  LYS A NZ  1 
ATOM   178 N N   . PRO A 1 26 ? -0.833  -5.621  -6.686  1.00 18.05 ? 26  PRO A N   1 
ATOM   179 C CA  . PRO A 1 26 ? -0.012  -5.434  -5.455  1.00 18.22 ? 26  PRO A CA  1 
ATOM   180 C C   . PRO A 1 26 ? 0.918   -4.186  -5.439  1.00 17.01 ? 26  PRO A C   1 
ATOM   181 O O   . PRO A 1 26 ? 1.319   -3.786  -4.381  1.00 19.22 ? 26  PRO A O   1 
ATOM   182 C CB  . PRO A 1 26 ? 0.806   -6.725  -5.376  1.00 19.06 ? 26  PRO A CB  1 
ATOM   183 C CG  . PRO A 1 26 ? 0.920   -7.161  -6.820  1.00 20.09 ? 26  PRO A CG  1 
ATOM   184 C CD  . PRO A 1 26 ? -0.332  -6.736  -7.525  1.00 21.40 ? 26  PRO A CD  1 
ATOM   185 N N   . ASN A 1 27 ? 1.130   -3.554  -6.579  1.00 16.63 ? 27  ASN A N   1 
ATOM   186 C CA  . ASN A 1 27 ? 2.098   -2.446  -6.706  1.00 17.66 ? 27  ASN A CA  1 
ATOM   187 C C   . ASN A 1 27 ? 1.727   -1.293  -5.714  1.00 17.92 ? 27  ASN A C   1 
ATOM   188 O O   . ASN A 1 27 ? 0.597   -0.704  -5.730  1.00 18.35 ? 27  ASN A O   1 
ATOM   189 C CB  . ASN A 1 27 ? 2.179   -1.956  -8.187  1.00 18.39 ? 27  ASN A CB  1 
ATOM   190 N N   . GLY A 1 28 ? 2.638   -1.087  -4.801  1.00 19.04 ? 28  GLY A N   1 
ATOM   191 C CA  . GLY A 1 28 ? 2.420   -0.290  -3.600  1.00 19.18 ? 28  GLY A CA  1 
ATOM   192 C C   . GLY A 1 28 ? 3.692   -0.118  -2.757  1.00 17.19 ? 28  GLY A C   1 
ATOM   193 O O   . GLY A 1 28 ? 4.573   -0.988  -2.766  1.00 14.87 ? 28  GLY A O   1 
ATOM   194 N N   . LYS A 1 29 ? 3.804   1.022   -2.070  1.00 16.01 ? 29  LYS A N   1 
ATOM   195 C CA  . LYS A 1 29 ? 4.943   1.309   -1.220  1.00 16.41 ? 29  LYS A CA  1 
ATOM   196 C C   . LYS A 1 29 ? 4.494   1.870   0.105   1.00 16.52 ? 29  LYS A C   1 
ATOM   197 O O   . LYS A 1 29 ? 3.409   2.452   0.214   1.00 17.65 ? 29  LYS A O   1 
ATOM   198 C CB  . LYS A 1 29 ? 5.906   2.271   -1.896  1.00 19.95 ? 29  LYS A CB  1 
ATOM   199 C CG  . LYS A 1 29 ? 6.594   1.650   -3.100  1.00 21.58 ? 29  LYS A CG  1 
ATOM   200 C CD  . LYS A 1 29 ? 7.490   2.597   -3.845  1.00 24.86 ? 29  LYS A CD  1 
ATOM   201 C CE  . LYS A 1 29 ? 8.144   1.890   -5.004  1.00 26.80 ? 29  LYS A CE  1 
ATOM   202 N NZ  . LYS A 1 29 ? 9.118   2.781   -5.715  1.00 30.14 ? 29  LYS A NZ  1 
ATOM   203 N N   . CYS A 1 30 ? 5.291   1.631   1.132   1.00 16.07 ? 30  CYS A N   1 
ATOM   204 C CA  . CYS A 1 30 ? 5.077   2.270   2.406   1.00 15.31 ? 30  CYS A CA  1 
ATOM   205 C C   . CYS A 1 30 ? 5.695   3.655   2.401   1.00 17.99 ? 30  CYS A C   1 
ATOM   206 O O   . CYS A 1 30 ? 6.944   3.778   2.323   1.00 16.75 ? 30  CYS A O   1 
ATOM   207 C CB  . CYS A 1 30 ? 5.692   1.446   3.547   1.00 17.08 ? 30  CYS A CB  1 
ATOM   208 S SG  . CYS A 1 30 ? 5.175   2.028   5.191   1.00 17.78 ? 30  CYS A SG  1 
ATOM   209 N N   . MET A 1 31 ? 4.824   4.678   2.510   1.00 16.73 ? 31  MET A N   1 
ATOM   210 C CA  . MET A 1 31 ? 5.176   6.079   2.287   1.00 19.93 ? 31  MET A CA  1 
ATOM   211 C C   . MET A 1 31 ? 4.679   6.919   3.460   1.00 20.27 ? 31  MET A C   1 
ATOM   212 O O   . MET A 1 31 ? 3.494   7.008   3.716   1.00 19.06 ? 31  MET A O   1 
ATOM   213 C CB  . MET A 1 31 ? 4.514   6.580   1.015   1.00 20.59 ? 31  MET A CB  1 
ATOM   214 C CG  . MET A 1 31 ? 4.963   5.811   -0.242  1.00 21.50 ? 31  MET A CG  1 
ATOM   215 S SD  . MET A 1 31 ? 6.755   5.818   -0.605  1.00 22.08 ? 31  MET A SD  1 
ATOM   216 C CE  . MET A 1 31 ? 6.837   7.163   -1.834  1.00 30.24 ? 31  MET A CE  1 
ATOM   217 N N   . ASN A 1 32 ? 5.628   7.429   4.228   1.00 19.53 ? 32  ASN A N   1 
ATOM   218 C CA  . ASN A 1 32 ? 5.347   8.207   5.423   1.00 19.57 ? 32  ASN A CA  1 
ATOM   219 C C   . ASN A 1 32 ? 4.446   7.419   6.407   1.00 20.05 ? 32  ASN A C   1 
ATOM   220 O O   . ASN A 1 32 ? 3.529   7.974   7.022   1.00 18.29 ? 32  ASN A O   1 
ATOM   221 C CB  . ASN A 1 32 ? 4.729   9.526   5.012   1.00 21.07 ? 32  ASN A CB  1 
ATOM   222 C CG  . ASN A 1 32 ? 4.634   10.504  6.140   1.00 22.16 ? 32  ASN A CG  1 
ATOM   223 O OD1 . ASN A 1 32 ? 5.566   10.638  6.961   1.00 20.40 ? 32  ASN A OD1 1 
ATOM   224 N ND2 . ASN A 1 32 ? 3.499   11.267  6.173   1.00 23.07 ? 32  ASN A ND2 1 
ATOM   225 N N   . GLY A 1 33 ? 4.669   6.123   6.508   1.00 17.41 ? 33  GLY A N   1 
ATOM   226 C CA  . GLY A 1 33 ? 3.996   5.318   7.492   1.00 19.94 ? 33  GLY A CA  1 
ATOM   227 C C   . GLY A 1 33 ? 2.601   4.811   7.097   1.00 19.40 ? 33  GLY A C   1 
ATOM   228 O O   . GLY A 1 33 ? 1.949   4.197   7.891   1.00 20.60 ? 33  GLY A O   1 
ATOM   229 N N   . LYS A 1 34 ? 2.194   5.002   5.856   1.00 20.34 ? 34  LYS A N   1 
ATOM   230 C CA  . LYS A 1 34 ? 0.887   4.502   5.329   1.00 20.81 ? 34  LYS A CA  1 
ATOM   231 C C   . LYS A 1 34 ? 1.093   3.885   3.962   1.00 20.77 ? 34  LYS A C   1 
ATOM   232 O O   . LYS A 1 34 ? 1.952   4.371   3.185   1.00 18.95 ? 34  LYS A O   1 
ATOM   233 C CB  . LYS A 1 34 ? -0.130  5.647   5.218   1.00 24.20 ? 34  LYS A CB  1 
ATOM   234 C CG  . LYS A 1 34 ? -0.513  6.206   6.560   1.00 28.74 ? 34  LYS A CG  1 
ATOM   235 C CD  . LYS A 1 34 ? -1.467  7.354   6.451   1.00 36.20 ? 34  LYS A CD  1 
ATOM   236 C CE  . LYS A 1 34 ? -1.625  8.032   7.805   1.00 44.77 ? 34  LYS A CE  1 
ATOM   237 N NZ  . LYS A 1 34 ? -2.926  7.643   8.430   1.00 50.20 ? 34  LYS A NZ  1 
ATOM   238 N N   . CYS A 1 35 ? 0.304   2.853   3.605   1.00 18.71 ? 35  CYS A N   1 
ATOM   239 C CA  . CYS A 1 35 ? 0.423   2.309   2.218   1.00 18.61 ? 35  CYS A CA  1 
ATOM   240 C C   . CYS A 1 35 ? -0.080  3.312   1.115   1.00 19.96 ? 35  CYS A C   1 
ATOM   241 O O   . CYS A 1 35 ? -1.106  3.987   1.285   1.00 20.04 ? 35  CYS A O   1 
ATOM   242 C CB  . CYS A 1 35 ? -0.301  0.943   2.115   1.00 18.20 ? 35  CYS A CB  1 
ATOM   243 S SG  . CYS A 1 35 ? 0.506   -0.299  3.112   1.00 17.69 ? 35  CYS A SG  1 
ATOM   244 N N   . ARG A 1 36 ? 0.676   3.431   0.037   1.00 19.12 ? 36  ARG A N   1 
ATOM   245 C CA  . ARG A 1 36 ? 0.228   4.023   -1.185  1.00 20.87 ? 36  ARG A CA  1 
ATOM   246 C C   . ARG A 1 36 ? 0.273   2.976   -2.272  1.00 21.73 ? 36  ARG A C   1 
ATOM   247 O O   . ARG A 1 36 ? 1.209   2.153   -2.327  1.00 19.75 ? 36  ARG A O   1 
ATOM   248 C CB  . ARG A 1 36 ? 1.148   5.165   -1.594  1.00 26.39 ? 36  ARG A CB  1 
ATOM   249 C CG  . ARG A 1 36 ? 1.175   6.313   -0.624  1.00 32.87 ? 36  ARG A CG  1 
ATOM   250 C CD  . ARG A 1 36 ? 0.816   7.633   -1.293  1.00 44.06 ? 36  ARG A CD  1 
ATOM   251 N NE  . ARG A 1 36 ? -0.084  8.439   -0.453  1.00 52.54 ? 36  ARG A NE  1 
ATOM   252 C CZ  . ARG A 1 36 ? -1.192  9.091   -0.876  1.00 49.40 ? 36  ARG A CZ  1 
ATOM   253 N NH1 . ARG A 1 36 ? -1.916  9.764   0.006   1.00 50.13 ? 36  ARG A NH1 1 
ATOM   254 N NH2 . ARG A 1 36 ? -1.600  9.044   -2.146  1.00 48.77 ? 36  ARG A NH2 1 
ATOM   255 N N   . CYS A 1 37 ? -0.775  2.934   -3.073  1.00 20.53 ? 37  CYS A N   1 
ATOM   256 C CA  . CYS A 1 37 ? -0.886  1.990   -4.168  1.00 21.14 ? 37  CYS A CA  1 
ATOM   257 C C   . CYS A 1 37 ? -0.706  2.685   -5.541  1.00 24.49 ? 37  CYS A C   1 
ATOM   258 O O   . CYS A 1 37 ? -1.045  3.882   -5.704  1.00 23.28 ? 37  CYS A O   1 
ATOM   259 C CB  . CYS A 1 37 ? -2.229  1.289   -4.095  1.00 20.72 ? 37  CYS A CB  1 
ATOM   260 S SG  . CYS A 1 37 ? -2.512  0.618   -2.481  0.94 19.16 ? 37  CYS A SG  1 
ATOM   261 N N   . TYR A 1 38 ? -0.144  1.954   -6.501  1.00 25.64 ? 38  TYR A N   1 
ATOM   262 C CA  . TYR A 1 38 ? 0.157   2.479   -7.817  1.00 31.79 ? 38  TYR A CA  1 
ATOM   263 C C   . TYR A 1 38 ? -0.529  1.695   -8.899  1.00 35.07 ? 38  TYR A C   1 
ATOM   264 O O   . TYR A 1 38 ? -0.363  0.492   -8.949  1.00 34.91 ? 38  TYR A O   1 
ATOM   265 C CB  . TYR A 1 38 ? 1.674   2.432   -8.038  1.00 34.59 ? 38  TYR A CB  1 
ATOM   266 C CG  . TYR A 1 38 ? 2.415   3.246   -7.035  1.00 33.96 ? 38  TYR A CG  1 
ATOM   267 C CD1 . TYR A 1 38 ? 2.533   4.618   -7.182  1.00 37.92 ? 38  TYR A CD1 1 
ATOM   268 C CD2 . TYR A 1 38 ? 2.953   2.655   -5.899  1.00 35.30 ? 38  TYR A CD2 1 
ATOM   269 C CE1 . TYR A 1 38 ? 3.228   5.395   -6.245  1.00 40.01 ? 38  TYR A CE1 1 
ATOM   270 C CE2 . TYR A 1 38 ? 3.588   3.411   -4.921  1.00 40.30 ? 38  TYR A CE2 1 
ATOM   271 C CZ  . TYR A 1 38 ? 3.737   4.788   -5.097  1.00 42.01 ? 38  TYR A CZ  1 
ATOM   272 O OH  . TYR A 1 38 ? 4.369   5.537   -4.127  1.00 37.24 ? 38  TYR A OH  1 
HETATM 273 O O   . HOH B 2 .  ? 1.465   8.117   2.763   1.00 31.00 ? 101 HOH A O   1 
HETATM 274 O O   . HOH B 2 .  ? -0.213  -6.266  4.961   1.00 24.54 ? 102 HOH A O   1 
HETATM 275 O O   . HOH B 2 .  ? -4.213  5.524   9.200   1.00 37.50 ? 103 HOH A O   1 
HETATM 276 O O   . HOH B 2 .  ? 11.044  0.456   6.195   1.00 31.11 ? 104 HOH A O   1 
HETATM 277 O O   . HOH B 2 .  ? 0.823   -0.900  -10.832 1.00 47.38 ? 105 HOH A O   1 
HETATM 278 O O   . HOH B 2 .  ? -11.199 -6.090  -1.856  1.00 21.18 ? 106 HOH A O   1 
HETATM 279 O O   . HOH B 2 .  ? 1.612   8.535   8.738   1.00 38.80 ? 107 HOH A O   1 
HETATM 280 O O   . HOH B 2 .  ? -1.694  7.202   2.340   1.00 47.89 ? 108 HOH A O   1 
HETATM 281 O O   . HOH B 2 .  ? -5.044  -6.099  3.418   1.00 30.70 ? 109 HOH A O   1 
HETATM 282 O O   . HOH B 2 .  ? -1.972  -1.192  -6.665  1.00 26.65 ? 110 HOH A O   1 
HETATM 283 O O   . HOH B 2 .  ? -8.414  4.740   0.020   1.00 44.37 ? 111 HOH A O   1 
HETATM 284 O O   . HOH B 2 .  ? 4.051   -9.152  0.632   1.00 27.04 ? 112 HOH A O   1 
HETATM 285 O O   . HOH B 2 .  ? 8.829   3.038   4.200   1.00 20.99 ? 113 HOH A O   1 
HETATM 286 O O   . HOH B 2 .  ? 3.911   8.261   -3.953  1.00 42.13 ? 114 HOH A O   1 
HETATM 287 O O   . HOH B 2 .  ? 6.957   -2.221  -3.554  1.00 21.52 ? 115 HOH A O   1 
HETATM 288 O O   . HOH B 2 .  ? 1.328   10.899  4.464   1.00 36.12 ? 116 HOH A O   1 
HETATM 289 O O   . HOH B 2 .  ? -8.049  -7.873  -6.053  1.00 36.21 ? 117 HOH A O   1 
HETATM 290 O O   . HOH B 2 .  ? 1.832   4.752   10.628  1.00 30.41 ? 118 HOH A O   1 
HETATM 291 O O   . HOH B 2 .  ? 5.803   12.898  8.626   1.00 24.76 ? 119 HOH A O   1 
HETATM 292 O O   . HOH B 2 .  ? -2.494  -8.839  -9.500  1.00 27.92 ? 120 HOH A O   1 
HETATM 293 O O   . HOH B 2 .  ? 2.995   13.730  7.618   1.00 32.69 ? 121 HOH A O   1 
HETATM 294 O O   . HOH B 2 .  ? 10.234  -0.795  2.774   1.00 27.48 ? 122 HOH A O   1 
HETATM 295 O O   . HOH B 2 .  ? 9.563   -4.306  2.164   1.00 22.27 ? 123 HOH A O   1 
HETATM 296 O O   . HOH B 2 .  ? 7.967   -3.994  7.570   1.00 52.53 ? 124 HOH A O   1 
HETATM 297 O O   . HOH B 2 .  ? -2.334  1.773   -10.962 1.00 55.01 ? 125 HOH A O   1 
HETATM 298 O O   . HOH B 2 .  ? 9.365   -3.628  10.622  1.00 46.93 ? 126 HOH A O   1 
HETATM 299 O O   . HOH B 2 .  ? 11.101  -9.068  -3.720  1.00 24.94 ? 127 HOH A O   1 
HETATM 300 O O   . HOH B 2 .  ? 2.956   9.840   0.032   1.00 39.32 ? 128 HOH A O   1 
HETATM 301 O O   . HOH B 2 .  ? 4.518   8.996   10.210  1.00 39.74 ? 129 HOH A O   1 
HETATM 302 O O   . HOH B 2 .  ? 7.496   -5.211  5.249   1.00 33.11 ? 130 HOH A O   1 
HETATM 303 O O   . HOH B 2 .  ? -10.938 7.208   9.104   1.00 45.47 ? 131 HOH A O   1 
HETATM 304 O O   . HOH B 2 .  ? -5.798  4.293   15.718  1.00 40.58 ? 132 HOH A O   1 
HETATM 305 O O   . HOH B 2 .  ? 0.169   6.676   10.828  1.00 54.13 ? 133 HOH A O   1 
HETATM 306 O O   . HOH B 2 .  ? -3.211  -7.588  3.954   1.00 38.32 ? 134 HOH A O   1 
HETATM 307 O O   . HOH B 2 .  ? -6.209  -10.410 -2.387  1.00 42.59 ? 135 HOH A O   1 
HETATM 308 O O   . HOH B 2 .  ? 4.782   5.756   11.046  1.00 49.90 ? 136 HOH A O   1 
HETATM 309 O O   . HOH B 2 .  ? 2.397   -10.714 -0.133  1.00 36.71 ? 137 HOH A O   1 
# 
loop_
_atom_site_anisotrop.id 
_atom_site_anisotrop.type_symbol 
_atom_site_anisotrop.pdbx_label_atom_id 
_atom_site_anisotrop.pdbx_label_alt_id 
_atom_site_anisotrop.pdbx_label_comp_id 
_atom_site_anisotrop.pdbx_label_asym_id 
_atom_site_anisotrop.pdbx_label_seq_id 
_atom_site_anisotrop.pdbx_PDB_ins_code 
_atom_site_anisotrop.U[1][1] 
_atom_site_anisotrop.U[2][2] 
_atom_site_anisotrop.U[3][3] 
_atom_site_anisotrop.U[1][2] 
_atom_site_anisotrop.U[1][3] 
_atom_site_anisotrop.U[2][3] 
_atom_site_anisotrop.pdbx_auth_seq_id 
_atom_site_anisotrop.pdbx_auth_comp_id 
_atom_site_anisotrop.pdbx_auth_asym_id 
_atom_site_anisotrop.pdbx_auth_atom_id 
1   N N   . SER A 2  ? 0.6643 0.4365 0.5388 -0.0283 -0.1322 0.0910  2  SER A N   
2   C CA  . SER A 2  ? 0.5986 0.4134 0.5156 -0.0091 -0.1104 0.0675  2  SER A CA  
3   C C   . SER A 2  ? 0.5387 0.3617 0.4962 0.0194  -0.1246 0.0561  2  SER A C   
4   O O   . SER A 2  ? 0.5737 0.3642 0.5400 0.0316  -0.1507 0.0598  2  SER A O   
5   C CB  . SER A 2  ? 0.5800 0.3896 0.5044 -0.0115 -0.0978 0.0587  2  SER A CB  
6   N N   . GLN A 3  ? 0.4311 0.2974 0.4141 0.0290  -0.1088 0.0412  3  GLN A N   
7   C CA  . GLN A 3  ? 0.4344 0.3235 0.4616 0.0521  -0.1134 0.0233  3  GLN A CA  
8   C C   . GLN A 3  ? 0.4410 0.3531 0.4924 0.0577  -0.0927 0.0038  3  GLN A C   
9   O O   . GLN A 3  ? 0.3138 0.2424 0.3533 0.0458  -0.0714 0.0032  3  GLN A O   
10  C CB  . GLN A 3  ? 0.4042 0.3263 0.4389 0.0529  -0.1105 0.0205  3  GLN A CB  
11  N N   . PHE A 4  ? 0.4645 0.3778 0.5498 0.0756  -0.1012 -0.0134 4  PHE A N   
12  C CA  . PHE A 4  ? 0.4913 0.4252 0.5961 0.0785  -0.0837 -0.0335 4  PHE A CA  
13  C C   . PHE A 4  ? 0.4853 0.4686 0.6078 0.0780  -0.0662 -0.0470 4  PHE A C   
14  O O   . PHE A 4  ? 0.5142 0.5181 0.6534 0.0842  -0.0726 -0.0504 4  PHE A O   
15  C CB  . PHE A 4  ? 0.5796 0.5002 0.7175 0.0979  -0.0984 -0.0529 4  PHE A CB  
16  N N   . THR A 5  ? 0.4132 0.4154 0.5292 0.0675  -0.0452 -0.0526 5  THR A N   
17  C CA  . THR A 5  ? 0.4110 0.4567 0.5441 0.0649  -0.0301 -0.0685 5  THR A CA  
18  C C   . THR A 5  ? 0.4423 0.5016 0.5844 0.0634  -0.0182 -0.0872 5  THR A C   
19  O O   . THR A 5  ? 0.4761 0.5099 0.6058 0.0620  -0.0194 -0.0845 5  THR A O   
20  C CB  . THR A 5  ? 0.3435 0.4008 0.4529 0.0488  -0.0175 -0.0549 5  THR A CB  
21  O OG1 . THR A 5  ? 0.2884 0.3402 0.3777 0.0385  -0.0065 -0.0502 5  THR A OG1 
22  C CG2 . THR A 5  ? 0.3333 0.3698 0.4245 0.0468  -0.0274 -0.0357 5  THR A CG2 
23  N N   . ASP A 6  ? 0.4110 0.5129 0.5699 0.0591  -0.0050 -0.1057 6  ASP A N   
24  C CA  . ASP A 6  ? 0.4273 0.5527 0.5895 0.0516  0.0100  -0.1251 6  ASP A CA  
25  C C   . ASP A 6  ? 0.3704 0.5088 0.5001 0.0287  0.0253  -0.1125 6  ASP A C   
26  O O   . ASP A 6  ? 0.4031 0.5685 0.5293 0.0165  0.0388  -0.1268 6  ASP A O   
27  C CB  . ASP A 6  ? 0.4803 0.6509 0.6833 0.0589  0.0149  -0.1587 6  ASP A CB  
28  C CG  . ASP A 6  ? 0.5423 0.7172 0.7669 0.0683  0.0166  -0.1870 6  ASP A CG  
29  O OD1 . ASP A 6  ? 0.5103 0.6408 0.7250 0.0758  0.0053  -0.1778 6  ASP A OD1 
30  O OD2 . ASP A 6  ? 0.6488 0.8721 0.8992 0.0657  0.0301  -0.2197 6  ASP A OD2 
31  N N   . VAL A 7  ? 0.2775 0.3956 0.3831 0.0227  0.0215  -0.0866 7  VAL A N   
32  C CA  . VAL A 7  ? 0.2463 0.3701 0.3242 0.0042  0.0299  -0.0730 7  VAL A CA  
33  C C   . VAL A 7  ? 0.2283 0.3322 0.2857 0.0013  0.0292  -0.0639 7  VAL A C   
34  O O   . VAL A 7  ? 0.2512 0.3285 0.3046 0.0090  0.0211  -0.0534 7  VAL A O   
35  C CB  . VAL A 7  ? 0.2485 0.3586 0.3162 0.0024  0.0240  -0.0541 7  VAL A CB  
36  C CG1 . VAL A 7  ? 0.2565 0.3614 0.2969 -0.0138 0.0270  -0.0387 7  VAL A CG1 
37  C CG2 . VAL A 7  ? 0.2439 0.3762 0.3333 0.0042  0.0235  -0.0641 7  VAL A CG2 
38  N N   . LYS A 8  ? 0.2130 0.3329 0.2564 -0.0125 0.0372  -0.0681 8  LYS A N   
39  C CA  . LYS A 8  ? 0.2130 0.3204 0.2399 -0.0158 0.0352  -0.0618 8  LYS A CA  
40  C C   . LYS A 8  ? 0.2305 0.3202 0.2390 -0.0185 0.0276  -0.0385 8  LYS A C   
41  O O   . LYS A 8  ? 0.2337 0.3205 0.2373 -0.0216 0.0252  -0.0280 8  LYS A O   
42  C CB  . LYS A 8  ? 0.2484 0.3804 0.2643 -0.0309 0.0441  -0.0740 8  LYS A CB  
43  C CG  . LYS A 8  ? 0.2397 0.3923 0.2795 -0.0261 0.0522  -0.1039 8  LYS A CG  
44  C CD  . LYS A 8  ? 0.2833 0.4685 0.3078 -0.0464 0.0643  -0.1187 8  LYS A CD  
45  C CE  . LYS A 8  ? 0.3128 0.5251 0.3661 -0.0411 0.0743  -0.1566 8  LYS A CE  
46  N NZ  . LYS A 8  ? 0.3101 0.5599 0.3854 -0.0436 0.0842  -0.1757 8  LYS A NZ  
47  N N   . CYS A 9  ? 0.2115 0.2909 0.2128 -0.0174 0.0231  -0.0333 9  CYS A N   
48  C CA  . CYS A 9  ? 0.2152 0.2819 0.2096 -0.0149 0.0147  -0.0178 9  CYS A CA  
49  C C   . CYS A 9  ? 0.1992 0.2679 0.1893 -0.0166 0.0113  -0.0184 9  CYS A C   
50  O O   . CYS A 9  ? 0.1810 0.2540 0.1738 -0.0189 0.0158  -0.0297 9  CYS A O   
51  C CB  . CYS A 9  ? 0.2054 0.2577 0.2104 -0.0044 0.0123  -0.0142 9  CYS A CB  
52  S SG  . CYS A 9  ? 0.1863 0.2277 0.2000 0.0007  0.0134  -0.0217 9  CYS A SG  
53  N N   . THR A 10 ? 0.1966 0.2631 0.1822 -0.0154 0.0020  -0.0081 10 THR A N   
54  C CA  . THR A 10 ? 0.2214 0.2944 0.2106 -0.0145 -0.0029 -0.0100 10 THR A CA  
55  C C   . THR A 10 ? 0.2342 0.3052 0.2383 -0.0050 -0.0062 -0.0094 10 THR A C   
56  O O   . THR A 10 ? 0.2677 0.3505 0.2799 -0.0054 -0.0075 -0.0150 10 THR A O   
57  C CB  . THR A 10 ? 0.2679 0.3489 0.2426 -0.0214 -0.0144 -0.0030 10 THR A CB  
58  O OG1 . THR A 10 ? 0.2649 0.3332 0.2322 -0.0198 -0.0253 0.0105  10 THR A OG1 
59  C CG2 . THR A 10 ? 0.2935 0.3853 0.2513 -0.0357 -0.0077 -0.0091 10 THR A CG2 
60  N N   . GLY A 11 ? 0.2098 0.2705 0.2173 0.0015  -0.0081 -0.0045 11 GLY A N   
61  C CA  . GLY A 11 ? 0.2229 0.2866 0.2448 0.0094  -0.0099 -0.0083 11 GLY A CA  
62  C C   . GLY A 11 ? 0.1871 0.2398 0.2085 0.0110  -0.0038 -0.0081 11 GLY A C   
63  O O   . GLY A 11 ? 0.1849 0.2268 0.1993 0.0100  -0.0036 -0.0025 11 GLY A O   
64  N N   . SER A 12 ? 0.1563 0.2155 0.1843 0.0109  0.0012  -0.0148 12 SER A N   
65  C CA  . SER A 12 ? 0.1504 0.2002 0.1733 0.0097  0.0056  -0.0141 12 SER A CA  
66  C C   . SER A 12 ? 0.1664 0.2075 0.1919 0.0161  0.0009  -0.0122 12 SER A C   
67  O O   . SER A 12 ? 0.1678 0.1989 0.1864 0.0142  0.0023  -0.0083 12 SER A O   
68  C CB  . SER A 12 ? 0.1492 0.2098 0.1717 0.0025  0.0123  -0.0214 12 SER A CB  
69  O OG  . SER A 12 ? 0.1618 0.2191 0.1747 -0.0083 0.0158  -0.0192 12 SER A OG  
70  N N   . LYS A 13 ? 0.1739 0.2167 0.2103 0.0239  -0.0066 -0.0156 13 LYS A N   
71  C CA  . LYS A 13 ? 0.2207 0.2480 0.2585 0.0287  -0.0129 -0.0141 13 LYS A CA  
72  C C   . LYS A 13 ? 0.1931 0.2044 0.2167 0.0221  -0.0149 -0.0015 13 LYS A C   
73  O O   . LYS A 13 ? 0.1949 0.1937 0.2158 0.0207  -0.0170 0.0001  13 LYS A O   
74  C CB  . LYS A 13 ? 0.2638 0.2871 0.3174 0.0403  -0.0265 -0.0188 13 LYS A CB  
75  C CG  . LYS A 13 ? 0.3319 0.3721 0.4070 0.0491  -0.0246 -0.0387 13 LYS A CG  
76  C CD  . LYS A 13 ? 0.3588 0.3910 0.4569 0.0658  -0.0423 -0.0471 13 LYS A CD  
77  C CE  . LYS A 13 ? 0.4331 0.4997 0.5602 0.0740  -0.0359 -0.0747 13 LYS A CE  
78  N NZ  . LYS A 13 ? 0.5023 0.5650 0.6592 0.0924  -0.0481 -0.0950 13 LYS A NZ  
79  N N   . GLN A 14 ? 0.2041 0.2180 0.2194 0.0167  -0.0151 0.0053  14 GLN A N   
80  C CA  . GLN A 14 ? 0.2016 0.2117 0.2045 0.0066  -0.0129 0.0124  14 GLN A CA  
81  C C   . GLN A 14 ? 0.1863 0.2011 0.1918 0.0047  -0.0049 0.0083  14 GLN A C   
82  O O   . GLN A 14 ? 0.1983 0.2134 0.2002 -0.0028 -0.0036 0.0104  14 GLN A O   
83  C CB  . GLN A 14 ? 0.1998 0.2209 0.1945 -0.0005 -0.0102 0.0138  14 GLN A CB  
84  C CG  . GLN A 14 ? 0.2527 0.2690 0.2404 -0.0011 -0.0220 0.0207  14 GLN A CG  
85  C CD  . GLN A 14 ? 0.2775 0.3072 0.2535 -0.0110 -0.0189 0.0206  14 GLN A CD  
86  O OE1 . GLN A 14 ? 0.2222 0.2653 0.2049 -0.0097 -0.0101 0.0109  14 GLN A OE1 
87  N NE2 . GLN A 14 ? 0.2729 0.2970 0.2275 -0.0242 -0.0260 0.0313  14 GLN A NE2 
88  N N   . CYS A 15 ? 0.1805 0.2005 0.1916 0.0093  -0.0008 0.0029  15 CYS A N   
89  C CA  . CYS A 15 ? 0.1808 0.2025 0.1943 0.0095  0.0016  0.0005  15 CYS A CA  
90  C C   . CYS A 15 ? 0.1927 0.2095 0.2059 0.0100  -0.0008 0.0001  15 CYS A C   
91  O O   . CYS A 15 ? 0.1880 0.2064 0.2027 0.0098  -0.0022 -0.0005 15 CYS A O   
92  C CB  . CYS A 15 ? 0.2016 0.2224 0.2143 0.0106  0.0031  -0.0016 15 CYS A CB  
93  S SG  . CYS A 15 ? 0.1892 0.2150 0.2033 0.0091  0.0060  -0.0051 15 CYS A SG  
94  N N   . TRP A 16 ? 0.1821 0.1935 0.1954 0.0116  -0.0027 -0.0018 16 TRP A N   
95  C CA  . TRP A 16 ? 0.1811 0.1891 0.1937 0.0109  -0.0040 -0.0060 16 TRP A CA  
96  C C   . TRP A 16 ? 0.1866 0.1910 0.1990 0.0055  -0.0067 -0.0032 16 TRP A C   
97  O O   . TRP A 16 ? 0.1817 0.1909 0.1938 0.0031  -0.0075 -0.0050 16 TRP A O   
98  C CB  . TRP A 16 ? 0.1889 0.1932 0.2073 0.0158  -0.0061 -0.0143 16 TRP A CB  
99  C CG  . TRP A 16 ? 0.1806 0.1995 0.2032 0.0183  -0.0011 -0.0227 16 TRP A CG  
100 C CD1 . TRP A 16 ? 0.1624 0.1908 0.1778 0.0127  0.0044  -0.0206 16 TRP A CD1 
101 C CD2 . TRP A 16 ? 0.1904 0.2167 0.2276 0.0256  -0.0024 -0.0364 16 TRP A CD2 
102 N NE1 . TRP A 16 ? 0.1988 0.2441 0.2204 0.0119  0.0093  -0.0319 16 TRP A NE1 
103 C CE2 . TRP A 16 ? 0.1908 0.2394 0.2296 0.0216  0.0056  -0.0437 16 TRP A CE2 
104 C CE3 . TRP A 16 ? 0.2024 0.2181 0.2537 0.0353  -0.0108 -0.0450 16 TRP A CE3 
105 C CZ2 . TRP A 16 ? 0.2028 0.2722 0.2602 0.0269  0.0077  -0.0619 16 TRP A CZ2 
106 C CZ3 . TRP A 16 ? 0.2162 0.2480 0.2891 0.0451  -0.0117 -0.0637 16 TRP A CZ3 
107 C CH2 . TRP A 16 ? 0.2134 0.2764 0.2910 0.0409  -0.0014 -0.0731 16 TRP A CH2 
108 N N   . PRO A 17 ? 0.1848 0.1814 0.1953 0.0010  -0.0090 0.0018  17 PRO A N   
109 C CA  . PRO A 17 ? 0.1919 0.1906 0.2014 -0.0096 -0.0091 0.0033  17 PRO A CA  
110 C C   . PRO A 17 ? 0.2010 0.2226 0.2180 -0.0115 -0.0045 0.0003  17 PRO A C   
111 O O   . PRO A 17 ? 0.2169 0.2496 0.2402 -0.0164 -0.0048 -0.0036 17 PRO A O   
112 C CB  . PRO A 17 ? 0.2299 0.2140 0.2291 -0.0191 -0.0130 0.0119  17 PRO A CB  
113 C CG  . PRO A 17 ? 0.2424 0.2211 0.2397 -0.0108 -0.0160 0.0154  17 PRO A CG  
114 C CD  . PRO A 17 ? 0.2053 0.1897 0.2131 0.0027  -0.0142 0.0065  17 PRO A CD  
115 N N   . VAL A 18 ? 0.1887 0.2188 0.2087 -0.0064 -0.0013 -0.0004 18 VAL A N   
116 C CA  . VAL A 18 ? 0.1973 0.2478 0.2303 -0.0047 0.0015  -0.0075 18 VAL A CA  
117 C C   . VAL A 18 ? 0.2057 0.2567 0.2468 0.0039  -0.0053 -0.0102 18 VAL A C   
118 O O   . VAL A 18 ? 0.1975 0.2653 0.2536 0.0049  -0.0083 -0.0169 18 VAL A O   
119 C CB  . VAL A 18 ? 0.1859 0.2390 0.2195 -0.0002 0.0051  -0.0097 18 VAL A CB  
120 C CG1 . VAL A 18 ? 0.1897 0.2580 0.2422 0.0075  0.0045  -0.0211 18 VAL A CG1 
121 C CG2 . VAL A 18 ? 0.2006 0.2568 0.2226 -0.0113 0.0099  -0.0067 18 VAL A CG2 
122 N N   . CYS A 19 ? 0.1800 0.2153 0.2110 0.0088  -0.0086 -0.0054 19 CYS A N   
123 C CA  . CYS A 19 ? 0.1875 0.2179 0.2162 0.0125  -0.0171 -0.0038 19 CYS A CA  
124 C C   . CYS A 19 ? 0.1789 0.2134 0.2059 0.0075  -0.0212 -0.0051 19 CYS A C   
125 O O   . CYS A 19 ? 0.1805 0.2200 0.2116 0.0097  -0.0310 -0.0053 19 CYS A O   
126 C CB  . CYS A 19 ? 0.1934 0.2092 0.2057 0.0114  -0.0169 0.0013  19 CYS A CB  
127 S SG  . CYS A 19 ? 0.2060 0.2152 0.2202 0.0150  -0.0149 0.0021  19 CYS A SG  
128 N N   . LYS A 20 ? 0.1709 0.2011 0.1922 0.0014  -0.0159 -0.0063 20 LYS A N   
129 C CA  . LYS A 20 ? 0.1965 0.2288 0.2166 -0.0052 -0.0190 -0.0099 20 LYS A CA  
130 C C   . LYS A 20 ? 0.1995 0.2515 0.2355 -0.0090 -0.0214 -0.0138 20 LYS A C   
131 O O   . LYS A 20 ? 0.1661 0.2285 0.2065 -0.0103 -0.0291 -0.0170 20 LYS A O   
132 C CB  . LYS A 20 ? 0.2206 0.2383 0.2349 -0.0101 -0.0154 -0.0119 20 LYS A CB  
133 C CG  . LYS A 20 ? 0.2441 0.2590 0.2564 -0.0185 -0.0187 -0.0181 20 LYS A CG  
134 C CD  . LYS A 20 ? 0.2648 0.2869 0.2697 -0.0193 -0.0232 -0.0229 20 LYS A CD  
135 C CE  . LYS A 20 ? 0.2979 0.3188 0.3017 -0.0295 -0.0263 -0.0314 20 LYS A CE  
136 N NZ  . LYS A 20 ? 0.3382 0.3664 0.3294 -0.0329 -0.0307 -0.0372 20 LYS A NZ  
137 N N   . GLN A 21 ? 0.1931 0.2551 0.2378 -0.0126 -0.0149 -0.0151 21 GLN A N   
138 C CA  . GLN A 21 ? 0.1886 0.2801 0.2526 -0.0185 -0.0141 -0.0238 21 GLN A CA  
139 C C   . GLN A 21 ? 0.1785 0.2896 0.2645 -0.0045 -0.0228 -0.0310 21 GLN A C   
140 O O   . GLN A 21 ? 0.1686 0.3039 0.2736 -0.0046 -0.0291 -0.0397 21 GLN A O   
141 C CB  . GLN A 21 ? 0.2052 0.3064 0.2692 -0.0287 -0.0031 -0.0252 21 GLN A CB  
142 C CG  . GLN A 21 ? 0.2356 0.3171 0.2792 -0.0457 0.0001  -0.0170 21 GLN A CG  
143 C CD  . GLN A 21 ? 0.2648 0.3578 0.3014 -0.0626 0.0093  -0.0162 21 GLN A CD  
144 O OE1 . GLN A 21 ? 0.2855 0.3987 0.3304 -0.0588 0.0153  -0.0226 21 GLN A OE1 
145 N NE2 . GLN A 21 ? 0.2745 0.3532 0.2932 -0.0841 0.0095  -0.0087 21 GLN A NE2 
146 N N   . MET A 22 ? 0.1761 0.2764 0.2620 0.0077  -0.0246 -0.0286 22 MET A N   
147 C CA  . MET A 22 ? 0.1903 0.3010 0.2987 0.0227  -0.0357 -0.0359 22 MET A CA  
148 C C   . MET A 22 ? 0.1982 0.2943 0.3007 0.0302  -0.0545 -0.0282 22 MET A C   
149 O O   . MET A 22 ? 0.2046 0.3145 0.3306 0.0412  -0.0698 -0.0351 22 MET A O   
150 C CB  . MET A 22 ? 0.2011 0.3016 0.3108 0.0308  -0.0318 -0.0372 22 MET A CB  
151 C CG  . MET A 22 ? 0.2082 0.3330 0.3269 0.0223  -0.0157 -0.0485 22 MET A CG  
152 S SD  . MET A 22 ? 0.2248 0.3439 0.3472 0.0300  -0.0107 -0.0553 22 MET A SD  
153 C CE  . MET A 22 ? 0.2580 0.3888 0.4207 0.0527  -0.0270 -0.0736 22 MET A CE  
154 N N   . PHE A 23 ? 0.2097 0.2799 0.2813 0.0237  -0.0545 -0.0153 23 PHE A N   
155 C CA  . PHE A 23 ? 0.2422 0.2950 0.2968 0.0252  -0.0715 -0.0052 23 PHE A CA  
156 C C   . PHE A 23 ? 0.2538 0.3036 0.2845 0.0119  -0.0704 -0.0016 23 PHE A C   
157 O O   . PHE A 23 ? 0.2992 0.3380 0.3104 0.0087  -0.0837 0.0065  23 PHE A O   
158 C CB  . PHE A 23 ? 0.2590 0.2826 0.2956 0.0279  -0.0748 0.0053  23 PHE A CB  
159 C CG  . PHE A 23 ? 0.2423 0.2639 0.3031 0.0425  -0.0810 -0.0004 23 PHE A CG  
160 C CD1 . PHE A 23 ? 0.2724 0.2907 0.3517 0.0562  -0.1044 -0.0016 23 PHE A CD1 
161 C CD2 . PHE A 23 ? 0.2234 0.2493 0.2926 0.0436  -0.0657 -0.0074 23 PHE A CD2 
162 C CE1 . PHE A 23 ? 0.2796 0.2959 0.3868 0.0722  -0.1111 -0.0120 23 PHE A CE1 
163 C CE2 . PHE A 23 ? 0.2264 0.2512 0.3176 0.0560  -0.0703 -0.0166 23 PHE A CE2 
164 C CZ  . PHE A 23 ? 0.2613 0.2822 0.3743 0.0712  -0.0921 -0.0209 23 PHE A CZ  
165 N N   . GLY A 24 ? 0.2326 0.2897 0.2625 0.0030  -0.0562 -0.0080 24 GLY A N   
166 C CA  . GLY A 24 ? 0.2664 0.3224 0.2800 -0.0080 -0.0562 -0.0102 24 GLY A CA  
167 C C   . GLY A 24 ? 0.2655 0.3053 0.2545 -0.0144 -0.0468 -0.0096 24 GLY A C   
168 O O   . GLY A 24 ? 0.2733 0.3136 0.2529 -0.0229 -0.0437 -0.0170 24 GLY A O   
169 N N   . LYS A 25 ? 0.2860 0.3154 0.2701 -0.0104 -0.0406 -0.0049 25 LYS A N   
170 C CA  . LYS A 25 ? 0.2880 0.3110 0.2568 -0.0155 -0.0301 -0.0087 25 LYS A CA  
171 C C   . LYS A 25 ? 0.2542 0.2728 0.2338 -0.0084 -0.0214 -0.0079 25 LYS A C   
172 O O   . LYS A 25 ? 0.2241 0.2405 0.2103 -0.0029 -0.0243 -0.0013 25 LYS A O   
173 C CB  . LYS A 25 ? 0.3443 0.3632 0.2867 -0.0245 -0.0344 -0.0025 25 LYS A CB  
174 C CG  . LYS A 25 ? 0.4361 0.4599 0.3590 -0.0357 -0.0431 -0.0032 25 LYS A CG  
175 C CD  . LYS A 25 ? 0.5312 0.5498 0.4183 -0.0516 -0.0464 0.0046  25 LYS A CD  
176 C CE  . LYS A 25 ? 0.6250 0.6235 0.5052 -0.0486 -0.0597 0.0234  25 LYS A CE  
177 N NZ  . LYS A 25 ? 0.7150 0.7001 0.5521 -0.0689 -0.0709 0.0377  25 LYS A NZ  
178 N N   . PRO A 26 ? 0.2291 0.2467 0.2099 -0.0083 -0.0124 -0.0162 26 PRO A N   
179 C CA  . PRO A 26 ? 0.2287 0.2438 0.2197 -0.0016 -0.0074 -0.0146 26 PRO A CA  
180 C C   . PRO A 26 ? 0.2155 0.2321 0.1987 -0.0031 -0.0044 -0.0107 26 PRO A C   
181 O O   . PRO A 26 ? 0.2413 0.2568 0.2322 0.0015  -0.0024 -0.0080 26 PRO A O   
182 C CB  . PRO A 26 ? 0.2375 0.2502 0.2362 0.0014  -0.0040 -0.0258 26 PRO A CB  
183 C CG  . PRO A 26 ? 0.2514 0.2710 0.2410 -0.0052 -0.0021 -0.0374 26 PRO A CG  
184 C CD  . PRO A 26 ? 0.2716 0.2922 0.2490 -0.0124 -0.0083 -0.0300 26 PRO A CD  
185 N N   . ASN A 27 ? 0.2163 0.2343 0.1812 -0.0128 -0.0052 -0.0091 27 ASN A N   
186 C CA  . ASN A 27 ? 0.2337 0.2509 0.1861 -0.0206 -0.0020 -0.0053 27 ASN A CA  
187 C C   . ASN A 27 ? 0.2396 0.2433 0.1978 -0.0145 -0.0080 0.0053  27 ASN A C   
188 O O   . ASN A 27 ? 0.2485 0.2408 0.2078 -0.0099 -0.0193 0.0129  27 ASN A O   
189 C CB  . ASN A 27 ? 0.2532 0.2698 0.1757 -0.0384 -0.0044 -0.0016 27 ASN A CB  
190 N N   . GLY A 28 ? 0.2495 0.2576 0.2164 -0.0123 -0.0012 0.0019  28 GLY A N   
191 C CA  . GLY A 28 ? 0.2504 0.2511 0.2273 -0.0055 -0.0036 0.0056  28 GLY A CA  
192 C C   . GLY A 28 ? 0.2204 0.2298 0.2026 -0.0069 0.0040  0.0007  28 GLY A C   
193 O O   . GLY A 28 ? 0.1838 0.2085 0.1724 -0.0066 0.0097  -0.0073 28 GLY A O   
194 N N   . LYS A 29 ? 0.2087 0.2090 0.1906 -0.0080 0.0023  0.0035  29 LYS A N   
195 C CA  . LYS A 29 ? 0.2090 0.2189 0.1955 -0.0109 0.0079  -0.0015 29 LYS A CA  
196 C C   . LYS A 29 ? 0.2088 0.2144 0.2042 -0.0047 0.0060  -0.0028 29 LYS A C   
197 O O   . LYS A 29 ? 0.2264 0.2195 0.2244 0.0003  0.0007  -0.0017 29 LYS A O   
198 C CB  . LYS A 29 ? 0.2600 0.2663 0.2316 -0.0270 0.0106  -0.0002 29 LYS A CB  
199 C CG  . LYS A 29 ? 0.2779 0.3010 0.2411 -0.0375 0.0170  -0.0047 29 LYS A CG  
200 C CD  . LYS A 29 ? 0.3263 0.3492 0.2690 -0.0605 0.0215  -0.0032 29 LYS A CD  
201 C CE  . LYS A 29 ? 0.3442 0.3936 0.2803 -0.0728 0.0311  -0.0130 29 LYS A CE  
202 N NZ  . LYS A 29 ? 0.3918 0.4486 0.3047 -0.1022 0.0386  -0.0133 29 LYS A NZ  
203 N N   . CYS A 30 ? 0.1964 0.2159 0.1982 -0.0045 0.0096  -0.0076 30 CYS A N   
204 C CA  . CYS A 30 ? 0.1856 0.2049 0.1910 -0.0033 0.0096  -0.0114 30 CYS A CA  
205 C C   . CYS A 30 ? 0.2251 0.2334 0.2251 -0.0119 0.0098  -0.0139 30 CYS A C   
206 O O   . CYS A 30 ? 0.2068 0.2254 0.2041 -0.0209 0.0131  -0.0158 30 CYS A O   
207 C CB  . CYS A 30 ? 0.2008 0.2379 0.2101 -0.0022 0.0102  -0.0134 30 CYS A CB  
208 S SG  . CYS A 30 ? 0.2082 0.2507 0.2164 -0.0046 0.0117  -0.0196 30 CYS A SG  
209 N N   . MET A 31 ? 0.2152 0.2040 0.2163 -0.0090 0.0052  -0.0160 31 MET A N   
210 C CA  . MET A 31 ? 0.2664 0.2308 0.2601 -0.0172 0.0009  -0.0163 31 MET A CA  
211 C C   . MET A 31 ? 0.2685 0.2278 0.2735 -0.0116 -0.0002 -0.0293 31 MET A C   
212 O O   . MET A 31 ? 0.2492 0.2070 0.2676 0.0006  -0.0036 -0.0363 31 MET A O   
213 C CB  . MET A 31 ? 0.2877 0.2226 0.2720 -0.0174 -0.0096 -0.0061 31 MET A CB  
214 C CG  . MET A 31 ? 0.3018 0.2440 0.2711 -0.0264 -0.0071 0.0041  31 MET A CG  
215 S SD  . MET A 31 ? 0.3080 0.2675 0.2633 -0.0488 0.0037  0.0033  31 MET A SD  
216 C CE  . MET A 31 ? 0.4358 0.3538 0.3591 -0.0710 -0.0061 0.0177  31 MET A CE  
217 N N   . ASN A 32 ? 0.2585 0.2229 0.2604 -0.0212 0.0040  -0.0362 32 ASN A N   
218 C CA  . ASN A 32 ? 0.2561 0.2202 0.2670 -0.0190 0.0051  -0.0526 32 ASN A CA  
219 C C   . ASN A 32 ? 0.2489 0.2418 0.2709 -0.0099 0.0109  -0.0621 32 ASN A C   
220 O O   . ASN A 32 ? 0.2219 0.2156 0.2573 -0.0028 0.0113  -0.0785 32 ASN A O   
221 C CB  . ASN A 32 ? 0.2868 0.2112 0.3022 -0.0145 -0.0058 -0.0571 32 ASN A CB  
222 C CG  . ASN A 32 ? 0.2986 0.2188 0.3244 -0.0138 -0.0051 -0.0785 32 ASN A CG  
223 O OD1 . ASN A 32 ? 0.2736 0.2086 0.2928 -0.0261 0.0021  -0.0853 32 ASN A OD1 
224 N ND2 . ASN A 32 ? 0.3105 0.2101 0.3558 0.0016  -0.0142 -0.0922 32 ASN A ND2 
225 N N   . GLY A 33 ? 0.2097 0.2253 0.2264 -0.0111 0.0147  -0.0530 33 GLY A N   
226 C CA  . GLY A 33 ? 0.2330 0.2733 0.2511 -0.0101 0.0198  -0.0581 33 GLY A CA  
227 C C   . GLY A 33 ? 0.2215 0.2654 0.2500 -0.0015 0.0200  -0.0587 33 GLY A C   
228 O O   . GLY A 33 ? 0.2298 0.2952 0.2577 -0.0049 0.0256  -0.0639 33 GLY A O   
229 N N   . LYS A 34 ? 0.2379 0.2624 0.2726 0.0067  0.0134  -0.0522 34 LYS A N   
230 C CA  . LYS A 34 ? 0.2379 0.2680 0.2846 0.0151  0.0113  -0.0526 34 LYS A CA  
231 C C   . LYS A 34 ? 0.2449 0.2607 0.2832 0.0163  0.0053  -0.0355 34 LYS A C   
232 O O   . LYS A 34 ? 0.2321 0.2281 0.2598 0.0129  0.0009  -0.0273 34 LYS A O   
233 C CB  . LYS A 34 ? 0.2763 0.2980 0.3451 0.0271  0.0049  -0.0682 34 LYS A CB  
234 C CG  . LYS A 34 ? 0.3222 0.3652 0.4044 0.0266  0.0130  -0.0923 34 LYS A CG  
235 C CD  . LYS A 34 ? 0.4095 0.4444 0.5213 0.0425  0.0047  -0.1129 34 LYS A CD  
236 C CE  . LYS A 34 ? 0.5067 0.5628 0.6315 0.0407  0.0144  -0.1421 34 LYS A CE  
237 N NZ  . LYS A 34 ? 0.5520 0.6540 0.7012 0.0433  0.0244  -0.1657 34 LYS A NZ  
238 N N   . CYS A 35 ? 0.2141 0.2409 0.2556 0.0182  0.0056  -0.0318 35 CYS A N   
239 C CA  . CYS A 35 ? 0.2196 0.2341 0.2531 0.0189  -0.0001 -0.0191 35 CYS A CA  
240 C C   . CYS A 35 ? 0.2433 0.2359 0.2793 0.0250  -0.0123 -0.0166 35 CYS A C   
241 O O   . CYS A 35 ? 0.2382 0.2306 0.2925 0.0347  -0.0190 -0.0260 35 CYS A O   
242 C CB  . CYS A 35 ? 0.2091 0.2378 0.2445 0.0177  0.0021  -0.0168 35 CYS A CB  
243 S SG  . CYS A 35 ? 0.2034 0.2414 0.2274 0.0090  0.0084  -0.0123 35 CYS A SG  
244 N N   . ARG A 36 ? 0.2443 0.2197 0.2624 0.0183  -0.0163 -0.0050 36 ARG A N   
245 C CA  . ARG A 36 ? 0.2767 0.2296 0.2866 0.0189  -0.0303 0.0036  36 ARG A CA  
246 C C   . ARG A 36 ? 0.2896 0.2496 0.2862 0.0128  -0.0292 0.0112  36 ARG A C   
247 O O   . ARG A 36 ? 0.2632 0.2357 0.2516 0.0051  -0.0181 0.0110  36 ARG A O   
248 C CB  . ARG A 36 ? 0.3624 0.2869 0.3532 0.0084  -0.0355 0.0114  36 ARG A CB  
249 C CG  . ARG A 36 ? 0.4453 0.3559 0.4476 0.0133  -0.0385 0.0025  36 ARG A CG  
250 C CD  . ARG A 36 ? 0.6037 0.4711 0.5991 0.0146  -0.0594 0.0100  36 ARG A CD  
251 N NE  . ARG A 36 ? 0.7035 0.5639 0.7287 0.0330  -0.0682 -0.0063 36 ARG A NE  
252 C CZ  . ARG A 36 ? 0.6653 0.5043 0.7072 0.0492  -0.0902 -0.0080 36 ARG A CZ  
253 N NH1 . ARG A 36 ? 0.6625 0.5037 0.7385 0.0672  -0.0952 -0.0301 36 ARG A NH1 
254 N NH2 . ARG A 36 ? 0.6691 0.4881 0.6958 0.0479  -0.1080 0.0095  36 ARG A NH2 
255 N N   . CYS A 37 ? 0.2752 0.2307 0.2740 0.0176  -0.0412 0.0148  37 CYS A N   
256 C CA  . CYS A 37 ? 0.2851 0.2473 0.2707 0.0110  -0.0415 0.0198  37 CYS A CA  
257 C C   . CYS A 37 ? 0.3451 0.2834 0.3019 -0.0002 -0.0549 0.0334  37 CYS A C   
258 O O   . CYS A 37 ? 0.3400 0.2513 0.2932 0.0026  -0.0717 0.0411  37 CYS A O   
259 C CB  . CYS A 37 ? 0.2674 0.2466 0.2731 0.0205  -0.0456 0.0136  37 CYS A CB  
260 S SG  . CYS A 37 ? 0.2313 0.2353 0.2613 0.0257  -0.0312 0.0005  37 CYS A SG  
261 N N   . TYR A 38 ? 0.3639 0.3107 0.2993 -0.0142 -0.0485 0.0357  38 TYR A N   
262 C CA  . TYR A 38 ? 0.4594 0.3890 0.3594 -0.0323 -0.0577 0.0484  38 TYR A CA  
263 C C   . TYR A 38 ? 0.5014 0.4407 0.3903 -0.0366 -0.0637 0.0494  38 TYR A C   
264 O O   . TYR A 38 ? 0.4887 0.4522 0.3852 -0.0368 -0.0500 0.0372  38 TYR A O   
265 C CB  . TYR A 38 ? 0.4982 0.4371 0.3785 -0.0518 -0.0407 0.0454  38 TYR A CB  
266 C CG  . TYR A 38 ? 0.4903 0.4208 0.3790 -0.0509 -0.0356 0.0444  38 TYR A CG  
267 C CD1 . TYR A 38 ? 0.5583 0.4547 0.4279 -0.0607 -0.0484 0.0577  38 TYR A CD1 
268 C CD2 . TYR A 38 ? 0.4911 0.4441 0.4059 -0.0406 -0.0210 0.0308  38 TYR A CD2 
269 C CE1 . TYR A 38 ? 0.5851 0.4729 0.4622 -0.0616 -0.0436 0.0548  38 TYR A CE1 
270 C CE2 . TYR A 38 ? 0.5538 0.5014 0.4760 -0.0401 -0.0174 0.0287  38 TYR A CE2 
271 C CZ  . TYR A 38 ? 0.5918 0.5083 0.4962 -0.0509 -0.0275 0.0393  38 TYR A CZ  
272 O OH  . TYR A 38 ? 0.5307 0.4415 0.4427 -0.0520 -0.0237 0.0351  38 TYR A OH  
# 
